data_8V1U
#
_entry.id   8V1U
#
_cell.length_a   72.986
_cell.length_b   96.832
_cell.length_c   114.661
_cell.angle_alpha   90.000
_cell.angle_beta   90.000
_cell.angle_gamma   90.000
#
_symmetry.space_group_name_H-M   'P 21 21 21'
#
loop_
_entity.id
_entity.type
_entity.pdbx_description
1 polymer 'DNA ligase 1'
2 polymer "DNA (5'-D(*GP*CP*TP*GP*AP*TP*GP*CP*GP*TP*C)-3')"
3 polymer "DNA/RNA (5'-R(P*G)-D(P*TP*CP*GP*GP*AP*C)-3')"
4 polymer "DNA (5'-D(*GP*TP*CP*CP*GP*AP*CP*GP*AP*CP*GP*CP*AP*TP*CP*AP*GP*C)-3')"
5 non-polymer DI(HYDROXYETHYL)ETHER
6 non-polymer '2-(N-MORPHOLINO)-ETHANESULFONIC ACID'
7 non-polymer 'CHLORIDE ION'
8 non-polymer GLYCEROL
9 non-polymer 'SODIUM ION'
10 non-polymer 'ADENOSINE MONOPHOSPHATE'
11 water water
#
loop_
_entity_poly.entity_id
_entity_poly.type
_entity_poly.pdbx_seq_one_letter_code
_entity_poly.pdbx_strand_id
1 'polypeptide(L)'
;SNDMDPSGYNPAKNNYHPVEDACWKPGQKVPYLAVARTFEKIEEVSARLRMVETLSNLLRSVVALSPPDLLPVLYLSLNH
LGPPQQGLELGVGDGVLLKAVAQATGRQLESVRAEAAEKGDVGLVAENSRSTQRLMLPPPPLTASGVFSKFRDIARLTGS
ASTAKKIDIIKGLFVACRHSEARFIARSLSGRLRLGLAEQSVLAALSQAVSLTPPGQEFPPAMVDAGKGKTAEARKTWLE
EQGMILKQTFCEVPDLDRIIPVLLEHGLERLPEHCKLSPGIPLKPMLAHPTRGISEVLKRFEEAAFTCEYKYDGQRAQIH
ALEGGEVKIFSRNQEDNTGKYPDIISRIPKIKLPSVTSFILDTEAVAWDREKKQIQPFQVLTTRKRKEVDASEIQVQVCL
YAFDLIYLNGESLVREPLSRRRQLLRENFVETEGEFVFATSLDTKDIEQIAEFLEQSVKDSCEGLMVKTLDVDATYEIAK
RSHNWLKLKKDYLDGVGDTLDLVVIGAYLGRGKRAGRYGGFLLASYDEDSEELQAICKLGTGFSDEELEEHHQSLKALVL
PSPRPYVRIDGAVIPDHWLDPSAVWEVKCADLSLSPIYPAARGLVDSDKGISLRAPRFIRVREDKQPEQATTSAQVACLY
RKQSQIQ
;
A
2 'polydeoxyribonucleotide' (DG)(DC)(DT)(DG)(DA)(DT)(DG)(DC)(DG)(DT)(DC) B
3 'polydeoxyribonucleotide/polyribonucleotide hybrid' G(DT)(DC)(DG)(DG)(DA)(DC) C
4 'polydeoxyribonucleotide' (DG)(DT)(DC)(DC)(DG)(DA)(DC)(DG)(DA)(DC)(DG)(DC)(DA)(DT)(DC)(DA)(DG)(DC) D
#
# COMPACT_ATOMS: atom_id res chain seq x y z
N SER A 1 -23.31 36.04 12.66
CA SER A 1 -22.21 35.13 12.41
C SER A 1 -22.61 34.06 11.38
N ASN A 2 -21.61 33.35 10.86
CA ASN A 2 -21.84 32.30 9.87
C ASN A 2 -22.42 31.08 10.56
N ASP A 3 -23.74 30.91 10.45
CA ASP A 3 -24.46 29.83 11.11
C ASP A 3 -24.83 28.70 10.17
N MET A 4 -24.08 28.52 9.09
CA MET A 4 -24.37 27.46 8.13
C MET A 4 -24.30 26.10 8.81
N ASP A 5 -25.31 25.28 8.59
CA ASP A 5 -25.28 23.92 9.10
C ASP A 5 -24.31 23.10 8.26
N PRO A 6 -23.40 22.34 8.88
CA PRO A 6 -22.46 21.54 8.07
C PRO A 6 -23.13 20.59 7.11
N SER A 7 -24.40 20.22 7.34
CA SER A 7 -25.07 19.32 6.41
C SER A 7 -25.19 19.94 5.02
N GLY A 8 -25.16 21.26 4.92
CA GLY A 8 -25.20 21.96 3.65
C GLY A 8 -23.86 22.42 3.14
N TYR A 9 -22.78 22.09 3.82
CA TYR A 9 -21.45 22.49 3.38
C TYR A 9 -21.18 21.95 1.99
N ASN A 10 -20.66 22.81 1.10
CA ASN A 10 -20.43 22.46 -0.29
C ASN A 10 -19.07 22.96 -0.73
N PRO A 11 -18.02 22.20 -0.48
CA PRO A 11 -16.67 22.60 -0.91
C PRO A 11 -16.42 22.41 -2.40
N ALA A 12 -17.42 21.99 -3.16
CA ALA A 12 -17.30 21.84 -4.61
C ALA A 12 -17.99 22.97 -5.37
N LYS A 13 -18.43 24.01 -4.67
CA LYS A 13 -19.15 25.11 -5.31
C LYS A 13 -18.19 26.01 -6.07
N ASN A 14 -18.72 26.68 -7.09
CA ASN A 14 -17.94 27.67 -7.80
C ASN A 14 -17.64 28.86 -6.90
N ASN A 15 -16.49 29.49 -7.13
CA ASN A 15 -16.08 30.70 -6.41
C ASN A 15 -16.16 30.47 -4.90
N TYR A 16 -15.57 29.37 -4.45
CA TYR A 16 -15.55 29.04 -3.03
C TYR A 16 -14.72 30.06 -2.26
N HIS A 17 -15.32 30.65 -1.23
CA HIS A 17 -14.63 31.59 -0.36
C HIS A 17 -14.26 30.90 0.94
N PRO A 18 -12.97 30.79 1.29
CA PRO A 18 -12.60 30.01 2.48
C PRO A 18 -13.32 30.42 3.76
N VAL A 19 -13.50 31.71 4.01
CA VAL A 19 -14.14 32.17 5.23
C VAL A 19 -15.65 32.01 5.14
N GLU A 20 -16.26 32.64 4.14
CA GLU A 20 -17.72 32.76 4.10
C GLU A 20 -18.40 31.42 3.80
N ASP A 21 -17.76 30.54 3.03
CA ASP A 21 -18.37 29.29 2.62
C ASP A 21 -18.08 28.14 3.57
N ALA A 22 -17.26 28.35 4.59
CA ALA A 22 -17.05 27.33 5.59
C ALA A 22 -18.32 27.16 6.42
N CYS A 23 -18.51 25.95 6.94
CA CYS A 23 -19.63 25.65 7.82
C CYS A 23 -19.23 25.72 9.29
N TRP A 24 -18.24 26.55 9.61
CA TRP A 24 -17.85 26.78 11.00
C TRP A 24 -17.22 28.16 11.10
N LYS A 25 -17.08 28.63 12.32
CA LYS A 25 -16.67 29.99 12.60
C LYS A 25 -15.18 30.07 12.91
N PRO A 26 -14.60 31.27 12.83
CA PRO A 26 -13.19 31.42 13.20
C PRO A 26 -12.94 30.97 14.63
N GLY A 27 -11.90 30.16 14.82
CA GLY A 27 -11.57 29.63 16.12
C GLY A 27 -12.37 28.43 16.56
N GLN A 28 -13.36 28.02 15.78
CA GLN A 28 -14.14 26.82 16.08
C GLN A 28 -13.44 25.59 15.53
N LYS A 29 -13.57 24.48 16.25
CA LYS A 29 -13.06 23.20 15.76
C LYS A 29 -13.77 22.83 14.46
N VAL A 30 -12.99 22.36 13.49
CA VAL A 30 -13.55 21.91 12.22
C VAL A 30 -14.53 20.77 12.50
N PRO A 31 -15.80 20.89 12.12
CA PRO A 31 -16.73 19.78 12.34
C PRO A 31 -16.38 18.59 11.47
N TYR A 32 -16.56 17.38 12.02
CA TYR A 32 -16.28 16.19 11.22
C TYR A 32 -17.24 16.08 10.04
N LEU A 33 -18.47 16.58 10.18
CA LEU A 33 -19.40 16.54 9.07
C LEU A 33 -18.89 17.39 7.91
N ALA A 34 -18.10 18.43 8.19
CA ALA A 34 -17.45 19.17 7.12
C ALA A 34 -16.52 18.27 6.32
N VAL A 35 -15.76 17.43 7.02
CA VAL A 35 -14.87 16.49 6.34
C VAL A 35 -15.68 15.46 5.57
N ALA A 36 -16.75 14.94 6.18
CA ALA A 36 -17.57 13.93 5.51
C ALA A 36 -18.23 14.50 4.26
N ARG A 37 -18.74 15.73 4.33
CA ARG A 37 -19.32 16.36 3.15
C ARG A 37 -18.29 16.53 2.05
N THR A 38 -17.06 16.92 2.42
CA THR A 38 -15.99 16.97 1.43
C THR A 38 -15.74 15.60 0.82
N PHE A 39 -15.75 14.55 1.64
CA PHE A 39 -15.58 13.20 1.11
C PHE A 39 -16.67 12.85 0.12
N GLU A 40 -17.92 13.24 0.42
CA GLU A 40 -19.02 12.96 -0.51
C GLU A 40 -18.79 13.62 -1.86
N LYS A 41 -18.42 14.91 -1.84
CA LYS A 41 -18.20 15.63 -3.09
C LYS A 41 -17.04 15.04 -3.88
N ILE A 42 -16.06 14.47 -3.19
CA ILE A 42 -14.91 13.88 -3.87
C ILE A 42 -15.28 12.55 -4.50
N GLU A 43 -16.04 11.72 -3.79
CA GLU A 43 -16.39 10.41 -4.32
C GLU A 43 -17.40 10.50 -5.46
N GLU A 44 -18.09 11.64 -5.59
CA GLU A 44 -19.06 11.82 -6.67
C GLU A 44 -18.39 12.04 -8.02
N VAL A 45 -17.12 12.43 -8.05
CA VAL A 45 -16.45 12.78 -9.28
C VAL A 45 -15.34 11.77 -9.56
N SER A 46 -14.86 11.76 -10.80
CA SER A 46 -13.83 10.84 -11.24
C SER A 46 -12.55 11.52 -11.71
N ALA A 47 -12.57 12.82 -11.95
CA ALA A 47 -11.37 13.56 -12.37
C ALA A 47 -10.60 14.00 -11.14
N ARG A 48 -9.33 13.60 -11.06
CA ARG A 48 -8.51 13.96 -9.91
C ARG A 48 -8.43 15.48 -9.72
N LEU A 49 -8.30 16.24 -10.81
CA LEU A 49 -8.21 17.68 -10.68
C LEU A 49 -9.44 18.27 -9.99
N ARG A 50 -10.61 17.68 -10.22
CA ARG A 50 -11.81 18.13 -9.54
C ARG A 50 -11.77 17.74 -8.06
N MET A 51 -11.29 16.54 -7.75
CA MET A 51 -11.15 16.13 -6.36
C MET A 51 -10.17 17.03 -5.63
N VAL A 52 -9.02 17.33 -6.27
CA VAL A 52 -8.02 18.18 -5.64
C VAL A 52 -8.61 19.56 -5.35
N GLU A 53 -9.32 20.12 -6.32
CA GLU A 53 -9.96 21.42 -6.11
C GLU A 53 -10.86 21.39 -4.88
N THR A 54 -11.72 20.39 -4.79
CA THR A 54 -12.67 20.32 -3.68
C THR A 54 -11.95 20.21 -2.35
N LEU A 55 -10.96 19.32 -2.25
CA LEU A 55 -10.21 19.18 -1.01
C LEU A 55 -9.48 20.47 -0.67
N SER A 56 -8.85 21.10 -1.67
CA SER A 56 -8.14 22.35 -1.43
CA SER A 56 -8.14 22.35 -1.43
C SER A 56 -9.06 23.40 -0.81
N ASN A 57 -10.32 23.44 -1.24
CA ASN A 57 -11.26 24.40 -0.66
C ASN A 57 -11.44 24.15 0.83
N LEU A 58 -11.64 22.89 1.22
CA LEU A 58 -11.72 22.55 2.64
C LEU A 58 -10.46 23.01 3.36
N LEU A 59 -9.29 22.69 2.80
CA LEU A 59 -8.04 22.98 3.49
C LEU A 59 -7.82 24.48 3.63
N ARG A 60 -8.22 25.26 2.62
CA ARG A 60 -8.09 26.71 2.71
C ARG A 60 -8.95 27.26 3.84
N SER A 61 -10.12 26.66 4.07
CA SER A 61 -10.95 27.08 5.20
C SER A 61 -10.31 26.69 6.52
N VAL A 62 -9.70 25.49 6.59
CA VAL A 62 -9.02 25.08 7.80
C VAL A 62 -7.86 26.04 8.09
N VAL A 63 -7.05 26.34 7.07
CA VAL A 63 -5.93 27.26 7.25
C VAL A 63 -6.43 28.63 7.71
N ALA A 64 -7.52 29.12 7.11
CA ALA A 64 -7.97 30.47 7.43
C ALA A 64 -8.65 30.54 8.79
N LEU A 65 -9.36 29.47 9.20
CA LEU A 65 -10.22 29.52 10.37
C LEU A 65 -9.72 28.70 11.56
N SER A 66 -9.06 27.58 11.31
CA SER A 66 -8.72 26.64 12.38
C SER A 66 -7.41 25.93 12.07
N PRO A 67 -6.30 26.66 12.02
CA PRO A 67 -5.02 26.07 11.59
C PRO A 67 -4.63 24.84 12.40
N PRO A 68 -4.87 24.83 13.71
CA PRO A 68 -4.49 23.65 14.50
C PRO A 68 -5.16 22.35 14.04
N ASP A 69 -6.22 22.45 13.25
CA ASP A 69 -6.94 21.27 12.77
C ASP A 69 -6.46 20.79 11.41
N LEU A 70 -5.47 21.45 10.81
CA LEU A 70 -5.00 21.03 9.50
C LEU A 70 -4.42 19.62 9.54
N LEU A 71 -3.59 19.34 10.55
CA LEU A 71 -2.95 18.03 10.63
C LEU A 71 -3.97 16.90 10.77
N PRO A 72 -4.91 16.94 11.71
CA PRO A 72 -5.90 15.83 11.76
C PRO A 72 -6.75 15.73 10.51
N VAL A 73 -7.15 16.86 9.92
CA VAL A 73 -7.95 16.80 8.70
C VAL A 73 -7.18 16.08 7.59
N LEU A 74 -5.88 16.34 7.48
CA LEU A 74 -5.06 15.66 6.49
C LEU A 74 -4.99 14.17 6.75
N TYR A 75 -4.72 13.78 8.00
CA TYR A 75 -4.64 12.36 8.33
C TYR A 75 -5.96 11.65 8.09
N LEU A 76 -7.08 12.31 8.39
CA LEU A 76 -8.38 11.73 8.09
C LEU A 76 -8.55 11.55 6.58
N SER A 77 -8.07 12.51 5.79
CA SER A 77 -8.17 12.40 4.34
C SER A 77 -7.33 11.24 3.82
N LEU A 78 -6.16 11.01 4.44
CA LEU A 78 -5.30 9.90 4.06
C LEU A 78 -5.70 8.59 4.73
N ASN A 79 -6.57 8.63 5.73
CA ASN A 79 -6.93 7.46 6.51
C ASN A 79 -5.69 6.82 7.14
N HIS A 80 -4.85 7.67 7.73
CA HIS A 80 -3.67 7.24 8.47
C HIS A 80 -3.73 7.81 9.88
N LEU A 81 -3.09 7.10 10.81
CA LEU A 81 -3.05 7.54 12.20
C LEU A 81 -1.86 8.44 12.51
N GLY A 82 -0.85 8.43 11.65
CA GLY A 82 0.36 9.21 11.89
C GLY A 82 1.49 8.76 10.99
N PRO A 83 2.70 9.24 11.26
CA PRO A 83 3.85 8.84 10.45
C PRO A 83 4.01 7.33 10.45
N PRO A 84 4.29 6.72 9.30
CA PRO A 84 4.41 5.25 9.27
C PRO A 84 5.48 4.71 10.22
N GLN A 85 6.57 5.45 10.45
CA GLN A 85 7.63 4.94 11.29
C GLN A 85 7.22 4.84 12.75
N GLN A 86 6.15 5.53 13.16
CA GLN A 86 5.70 5.42 14.54
C GLN A 86 4.99 4.11 14.83
N GLY A 87 4.51 3.41 13.80
CA GLY A 87 3.94 2.10 13.99
C GLY A 87 2.60 2.07 14.69
N LEU A 88 1.79 3.12 14.53
CA LEU A 88 0.45 3.12 15.10
C LEU A 88 -0.45 2.21 14.28
N GLU A 89 -1.23 1.38 14.96
CA GLU A 89 -2.18 0.48 14.32
C GLU A 89 -3.49 0.52 15.08
N LEU A 90 -4.59 0.60 14.35
CA LEU A 90 -5.91 0.60 14.99
C LEU A 90 -6.15 -0.69 15.75
N GLY A 91 -5.68 -1.80 15.22
CA GLY A 91 -6.09 -3.10 15.73
C GLY A 91 -7.54 -3.38 15.46
N VAL A 92 -8.11 -2.78 14.43
CA VAL A 92 -9.53 -2.89 14.10
C VAL A 92 -9.66 -3.20 12.62
N GLY A 93 -10.24 -4.36 12.31
CA GLY A 93 -10.61 -4.71 10.97
C GLY A 93 -12.10 -4.83 10.81
N ASP A 94 -12.51 -5.49 9.73
CA ASP A 94 -13.94 -5.70 9.50
C ASP A 94 -14.55 -6.53 10.62
N GLY A 95 -13.77 -7.42 11.24
CA GLY A 95 -14.27 -8.22 12.33
C GLY A 95 -14.72 -7.38 13.51
N VAL A 96 -13.80 -6.60 14.08
CA VAL A 96 -14.13 -5.78 15.24
C VAL A 96 -15.18 -4.73 14.86
N LEU A 97 -15.04 -4.13 13.68
CA LEU A 97 -15.98 -3.09 13.26
C LEU A 97 -17.40 -3.65 13.15
N LEU A 98 -17.55 -4.80 12.49
CA LEU A 98 -18.88 -5.37 12.35
C LEU A 98 -19.46 -5.76 13.69
N LYS A 99 -18.63 -6.22 14.62
CA LYS A 99 -19.11 -6.47 15.97
C LYS A 99 -19.60 -5.19 16.62
N ALA A 100 -18.87 -4.08 16.41
CA ALA A 100 -19.32 -2.80 16.96
C ALA A 100 -20.64 -2.37 16.34
N VAL A 101 -20.78 -2.55 15.03
CA VAL A 101 -22.04 -2.20 14.36
C VAL A 101 -23.18 -3.03 14.92
N ALA A 102 -22.95 -4.33 15.12
CA ALA A 102 -24.01 -5.21 15.62
C ALA A 102 -24.50 -4.76 16.99
N GLN A 103 -23.56 -4.51 17.91
CA GLN A 103 -23.96 -4.09 19.26
C GLN A 103 -24.68 -2.76 19.24
N ALA A 104 -24.19 -1.80 18.45
CA ALA A 104 -24.84 -0.50 18.37
C ALA A 104 -26.24 -0.57 17.80
N THR A 105 -26.64 -1.69 17.20
CA THR A 105 -27.94 -1.84 16.58
C THR A 105 -28.73 -3.03 17.11
N GLY A 106 -28.18 -3.79 18.05
CA GLY A 106 -28.85 -4.96 18.59
C GLY A 106 -28.98 -6.13 17.65
N ARG A 107 -28.41 -6.05 16.45
CA ARG A 107 -28.55 -7.12 15.47
C ARG A 107 -27.53 -8.22 15.73
N GLN A 108 -27.80 -9.39 15.17
CA GLN A 108 -26.85 -10.49 15.24
C GLN A 108 -25.70 -10.22 14.29
N LEU A 109 -24.48 -10.61 14.73
CA LEU A 109 -23.29 -10.31 13.94
C LEU A 109 -23.40 -10.88 12.53
N GLU A 110 -23.98 -12.07 12.40
CA GLU A 110 -24.05 -12.70 11.08
C GLU A 110 -24.97 -11.93 10.15
N SER A 111 -26.08 -11.41 10.67
CA SER A 111 -26.95 -10.56 9.85
C SER A 111 -26.22 -9.32 9.38
N VAL A 112 -25.42 -8.71 10.25
CA VAL A 112 -24.65 -7.53 9.85
C VAL A 112 -23.59 -7.91 8.82
N ARG A 113 -22.93 -9.06 9.01
CA ARG A 113 -21.93 -9.50 8.04
C ARG A 113 -22.56 -9.72 6.67
N ALA A 114 -23.68 -10.43 6.62
CA ALA A 114 -24.33 -10.71 5.34
C ALA A 114 -24.67 -9.42 4.61
N GLU A 115 -25.23 -8.44 5.31
CA GLU A 115 -25.62 -7.20 4.65
C GLU A 115 -24.41 -6.47 4.10
N ALA A 116 -23.32 -6.42 4.86
CA ALA A 116 -22.13 -5.72 4.39
C ALA A 116 -21.53 -6.39 3.17
N ALA A 117 -21.58 -7.72 3.12
CA ALA A 117 -21.07 -8.44 1.95
C ALA A 117 -21.91 -8.14 0.72
N GLU A 118 -23.25 -8.15 0.87
CA GLU A 118 -24.12 -7.84 -0.25
C GLU A 118 -23.86 -6.44 -0.78
N LYS A 119 -23.82 -5.45 0.11
CA LYS A 119 -23.61 -4.06 -0.29
C LYS A 119 -22.14 -3.75 -0.58
N GLY A 120 -21.22 -4.62 -0.21
CA GLY A 120 -19.81 -4.39 -0.48
C GLY A 120 -19.26 -3.15 0.16
N ASP A 121 -19.82 -2.73 1.29
CA ASP A 121 -19.38 -1.51 1.96
C ASP A 121 -19.96 -1.45 3.38
N VAL A 122 -19.08 -1.50 4.39
CA VAL A 122 -19.56 -1.46 5.76
C VAL A 122 -20.16 -0.10 6.08
N GLY A 123 -19.74 0.95 5.38
CA GLY A 123 -20.29 2.27 5.63
C GLY A 123 -21.79 2.34 5.34
N LEU A 124 -22.24 1.65 4.30
CA LEU A 124 -23.65 1.65 3.98
C LEU A 124 -24.47 0.88 5.01
N VAL A 125 -23.85 -0.08 5.70
CA VAL A 125 -24.54 -0.80 6.76
C VAL A 125 -24.65 0.07 8.01
N ALA A 126 -23.54 0.67 8.43
CA ALA A 126 -23.58 1.57 9.57
C ALA A 126 -24.48 2.77 9.30
N GLU A 127 -24.51 3.23 8.05
CA GLU A 127 -25.38 4.35 7.68
C GLU A 127 -26.84 3.96 7.79
N ASN A 128 -27.24 2.87 7.12
CA ASN A 128 -28.65 2.52 7.03
C ASN A 128 -29.15 1.82 8.29
N SER A 129 -28.30 1.06 8.98
CA SER A 129 -28.75 0.32 10.14
C SER A 129 -29.22 1.27 11.24
N ARG A 130 -30.12 0.77 12.08
CA ARG A 130 -30.80 1.58 13.08
C ARG A 130 -30.15 1.39 14.44
N SER A 131 -29.73 2.48 15.06
CA SER A 131 -29.08 2.42 16.36
C SER A 131 -30.06 2.00 17.44
N THR A 132 -29.53 1.36 18.48
CA THR A 132 -30.31 0.97 19.66
C THR A 132 -29.73 1.56 20.94
N GLN A 133 -28.84 2.54 20.83
CA GLN A 133 -28.16 3.11 21.98
C GLN A 133 -28.97 4.30 22.48
N ARG A 134 -29.95 4.02 23.33
CA ARG A 134 -30.85 5.04 23.86
C ARG A 134 -30.12 5.84 24.92
N LEU A 135 -29.70 7.05 24.57
CA LEU A 135 -29.00 7.95 25.47
C LEU A 135 -29.94 9.07 25.88
N MET A 136 -29.80 9.51 27.13
CA MET A 136 -30.64 10.57 27.68
C MET A 136 -29.87 11.89 27.79
N LEU A 137 -29.12 12.21 26.72
CA LEU A 137 -28.39 13.47 26.63
C LEU A 137 -27.83 13.57 25.20
N PRO A 138 -28.44 14.38 24.34
CA PRO A 138 -28.00 14.41 22.94
C PRO A 138 -26.53 14.75 22.84
N PRO A 139 -25.71 13.90 22.22
CA PRO A 139 -24.27 14.15 22.20
C PRO A 139 -23.95 15.36 21.35
N PRO A 140 -22.86 16.07 21.64
CA PRO A 140 -22.47 17.20 20.81
C PRO A 140 -22.00 16.73 19.45
N PRO A 141 -22.00 17.62 18.45
CA PRO A 141 -21.54 17.21 17.12
C PRO A 141 -20.06 16.82 17.14
N LEU A 142 -19.72 15.82 16.35
CA LEU A 142 -18.35 15.37 16.24
C LEU A 142 -17.48 16.44 15.59
N THR A 143 -16.22 16.50 16.02
CA THR A 143 -15.23 17.38 15.42
C THR A 143 -14.15 16.53 14.77
N ALA A 144 -13.48 17.13 13.78
CA ALA A 144 -12.43 16.40 13.06
C ALA A 144 -11.31 15.99 14.02
N SER A 145 -10.85 16.92 14.85
CA SER A 145 -9.78 16.59 15.78
C SER A 145 -10.26 15.61 16.84
N GLY A 146 -11.54 15.69 17.22
CA GLY A 146 -12.06 14.74 18.19
C GLY A 146 -12.15 13.33 17.65
N VAL A 147 -12.60 13.18 16.42
CA VAL A 147 -12.67 11.85 15.80
C VAL A 147 -11.26 11.29 15.63
N PHE A 148 -10.33 12.13 15.14
CA PHE A 148 -8.95 11.67 14.98
C PHE A 148 -8.36 11.26 16.33
N SER A 149 -8.63 12.04 17.39
CA SER A 149 -8.12 11.68 18.70
CA SER A 149 -8.13 11.68 18.70
C SER A 149 -8.71 10.36 19.18
N LYS A 150 -9.99 10.12 18.88
CA LYS A 150 -10.60 8.85 19.28
C LYS A 150 -10.00 7.69 18.52
N PHE A 151 -9.67 7.88 17.24
CA PHE A 151 -8.99 6.84 16.48
C PHE A 151 -7.67 6.47 17.13
N ARG A 152 -6.89 7.48 17.50
CA ARG A 152 -5.62 7.20 18.17
C ARG A 152 -5.83 6.60 19.55
N ASP A 153 -6.95 6.95 20.22
CA ASP A 153 -7.29 6.27 21.47
C ASP A 153 -7.52 4.78 21.24
N ILE A 154 -8.25 4.44 20.19
CA ILE A 154 -8.45 3.03 19.84
C ILE A 154 -7.13 2.33 19.64
N ALA A 155 -6.20 2.97 18.91
CA ALA A 155 -4.93 2.33 18.60
C ALA A 155 -4.11 2.07 19.85
N ARG A 156 -4.23 2.91 20.88
CA ARG A 156 -3.43 2.75 22.08
C ARG A 156 -3.96 1.67 23.02
N LEU A 157 -5.17 1.16 22.79
CA LEU A 157 -5.74 0.14 23.65
C LEU A 157 -5.10 -1.21 23.33
N THR A 158 -4.48 -1.82 24.34
CA THR A 158 -3.76 -3.07 24.15
C THR A 158 -4.04 -3.99 25.33
N GLY A 159 -3.77 -5.28 25.12
CA GLY A 159 -3.92 -6.28 26.16
C GLY A 159 -5.27 -6.97 26.12
N SER A 160 -5.42 -7.93 27.02
CA SER A 160 -6.67 -8.67 27.12
C SER A 160 -7.82 -7.72 27.44
N ALA A 161 -9.00 -8.03 26.90
CA ALA A 161 -10.22 -7.25 27.01
C ALA A 161 -10.13 -5.92 26.27
N SER A 162 -9.04 -5.66 25.56
CA SER A 162 -8.92 -4.38 24.84
C SER A 162 -9.92 -4.29 23.70
N THR A 163 -10.29 -5.42 23.09
CA THR A 163 -11.23 -5.39 21.98
C THR A 163 -12.55 -4.76 22.40
N ALA A 164 -13.06 -5.15 23.57
CA ALA A 164 -14.30 -4.56 24.06
C ALA A 164 -14.14 -3.06 24.32
N LYS A 165 -12.94 -2.64 24.77
CA LYS A 165 -12.72 -1.21 24.98
C LYS A 165 -12.64 -0.48 23.66
N LYS A 166 -12.05 -1.09 22.63
CA LYS A 166 -12.06 -0.48 21.30
C LYS A 166 -13.50 -0.32 20.80
N ILE A 167 -14.34 -1.34 21.00
CA ILE A 167 -15.70 -1.29 20.52
C ILE A 167 -16.49 -0.20 21.24
N ASP A 168 -16.21 0.03 22.53
CA ASP A 168 -16.92 1.07 23.27
C ASP A 168 -16.68 2.44 22.66
N ILE A 169 -15.42 2.73 22.27
CA ILE A 169 -15.13 4.00 21.61
C ILE A 169 -15.86 4.08 20.28
N ILE A 170 -15.79 3.02 19.49
CA ILE A 170 -16.45 3.02 18.18
C ILE A 170 -17.94 3.28 18.33
N LYS A 171 -18.57 2.63 19.32
CA LYS A 171 -19.99 2.84 19.55
C LYS A 171 -20.27 4.27 19.97
N GLY A 172 -19.35 4.86 20.76
CA GLY A 172 -19.52 6.25 21.15
C GLY A 172 -19.51 7.19 19.96
N LEU A 173 -18.70 6.87 18.95
CA LEU A 173 -18.68 7.68 17.73
C LEU A 173 -20.00 7.57 16.98
N PHE A 174 -20.46 6.33 16.77
CA PHE A 174 -21.68 6.12 15.97
C PHE A 174 -22.88 6.84 16.57
N VAL A 175 -23.02 6.82 17.90
CA VAL A 175 -24.18 7.45 18.51
C VAL A 175 -24.15 8.96 18.35
N ALA A 176 -22.97 9.55 18.16
CA ALA A 176 -22.84 10.98 17.93
C ALA A 176 -22.86 11.34 16.44
N CYS A 177 -23.04 10.36 15.56
CA CYS A 177 -22.97 10.61 14.13
C CYS A 177 -24.27 11.22 13.62
N ARG A 178 -24.13 12.12 12.65
CA ARG A 178 -25.26 12.76 11.98
C ARG A 178 -25.05 12.66 10.47
N HIS A 179 -26.16 12.55 9.74
CA HIS A 179 -26.11 12.53 8.28
C HIS A 179 -25.16 11.46 7.77
N SER A 180 -24.09 11.86 7.06
CA SER A 180 -23.20 10.92 6.41
C SER A 180 -21.99 10.55 7.26
N GLU A 181 -21.93 10.98 8.52
CA GLU A 181 -20.74 10.76 9.32
C GLU A 181 -20.50 9.28 9.58
N ALA A 182 -21.56 8.55 9.95
CA ALA A 182 -21.40 7.13 10.27
C ALA A 182 -20.80 6.37 9.10
N ARG A 183 -21.19 6.73 7.87
CA ARG A 183 -20.67 6.01 6.70
C ARG A 183 -19.16 6.10 6.62
N PHE A 184 -18.59 7.29 6.85
CA PHE A 184 -17.15 7.46 6.71
C PHE A 184 -16.39 7.09 7.97
N ILE A 185 -17.02 7.16 9.14
CA ILE A 185 -16.42 6.58 10.35
C ILE A 185 -16.17 5.09 10.13
N ALA A 186 -17.20 4.37 9.70
CA ALA A 186 -17.06 2.94 9.47
C ALA A 186 -16.05 2.66 8.35
N ARG A 187 -16.10 3.43 7.26
CA ARG A 187 -15.15 3.21 6.17
C ARG A 187 -13.71 3.44 6.63
N SER A 188 -13.49 4.47 7.44
CA SER A 188 -12.15 4.74 7.94
C SER A 188 -11.64 3.57 8.78
N LEU A 189 -12.49 3.06 9.67
CA LEU A 189 -12.11 1.92 10.49
C LEU A 189 -11.93 0.66 9.64
N SER A 190 -12.71 0.52 8.58
CA SER A 190 -12.55 -0.61 7.67
C SER A 190 -11.30 -0.48 6.81
N GLY A 191 -10.76 0.73 6.66
CA GLY A 191 -9.63 0.94 5.78
C GLY A 191 -9.99 1.13 4.32
N ARG A 192 -11.24 1.55 4.04
CA ARG A 192 -11.75 1.64 2.66
C ARG A 192 -12.63 2.88 2.54
N LEU A 193 -12.00 4.05 2.45
CA LEU A 193 -12.75 5.29 2.27
C LEU A 193 -13.40 5.37 0.90
N ARG A 194 -12.78 4.79 -0.13
CA ARG A 194 -13.34 4.76 -1.48
C ARG A 194 -13.41 6.17 -2.07
N LEU A 195 -12.45 7.02 -1.75
CA LEU A 195 -12.50 8.40 -2.21
C LEU A 195 -12.11 8.53 -3.69
N GLY A 196 -11.12 7.74 -4.12
CA GLY A 196 -10.45 8.01 -5.38
C GLY A 196 -9.38 9.06 -5.26
N LEU A 197 -9.01 9.43 -4.03
CA LEU A 197 -8.04 10.48 -3.76
C LEU A 197 -7.15 9.98 -2.63
N ALA A 198 -5.83 10.05 -2.84
CA ALA A 198 -4.89 9.53 -1.87
C ALA A 198 -3.68 10.46 -1.74
N GLU A 199 -2.51 9.90 -1.42
CA GLU A 199 -1.36 10.72 -1.02
C GLU A 199 -1.06 11.81 -2.04
N GLN A 200 -0.91 11.43 -3.32
CA GLN A 200 -0.49 12.41 -4.31
C GLN A 200 -1.52 13.53 -4.47
N SER A 201 -2.81 13.19 -4.43
CA SER A 201 -3.84 14.20 -4.57
C SER A 201 -4.00 15.02 -3.29
N VAL A 202 -3.74 14.42 -2.13
CA VAL A 202 -3.80 15.19 -0.89
C VAL A 202 -2.66 16.21 -0.85
N LEU A 203 -1.46 15.80 -1.28
CA LEU A 203 -0.36 16.75 -1.36
C LEU A 203 -0.65 17.87 -2.35
N ALA A 204 -1.19 17.52 -3.51
CA ALA A 204 -1.54 18.56 -4.48
C ALA A 204 -2.56 19.53 -3.91
N ALA A 205 -3.55 19.02 -3.16
CA ALA A 205 -4.53 19.90 -2.56
C ALA A 205 -3.92 20.78 -1.49
N LEU A 206 -2.96 20.23 -0.73
CA LEU A 206 -2.33 20.98 0.34
C LEU A 206 -1.47 22.11 -0.22
N SER A 207 -0.64 21.82 -1.21
CA SER A 207 0.20 22.86 -1.80
C SER A 207 -0.67 23.95 -2.43
N GLN A 208 -1.76 23.56 -3.09
CA GLN A 208 -2.65 24.55 -3.68
C GLN A 208 -3.30 25.41 -2.60
N ALA A 209 -3.73 24.79 -1.50
CA ALA A 209 -4.43 25.54 -0.45
C ALA A 209 -3.51 26.59 0.17
N VAL A 210 -2.33 26.18 0.64
CA VAL A 210 -1.45 27.14 1.30
C VAL A 210 -0.83 28.12 0.31
N SER A 211 -0.87 27.82 -0.99
CA SER A 211 -0.43 28.78 -1.98
C SER A 211 -1.50 29.84 -2.25
N LEU A 212 -2.76 29.41 -2.38
CA LEU A 212 -3.84 30.36 -2.64
C LEU A 212 -4.19 31.14 -1.38
N THR A 213 -4.12 30.50 -0.21
CA THR A 213 -4.48 31.11 1.06
C THR A 213 -3.29 30.95 2.01
N PRO A 214 -2.32 31.87 1.96
CA PRO A 214 -1.11 31.71 2.77
C PRO A 214 -1.43 31.64 4.25
N PRO A 215 -0.81 30.72 4.99
CA PRO A 215 -1.03 30.66 6.43
C PRO A 215 -0.27 31.75 7.17
N GLY A 216 -0.67 31.98 8.42
CA GLY A 216 0.03 32.90 9.28
C GLY A 216 -0.35 34.36 9.14
N GLN A 217 -1.41 34.67 8.42
CA GLN A 217 -1.85 36.05 8.28
C GLN A 217 -2.71 36.46 9.47
N GLU A 218 -2.75 37.77 9.73
CA GLU A 218 -3.69 38.31 10.70
C GLU A 218 -5.11 38.08 10.21
N PHE A 219 -5.99 37.71 11.15
CA PHE A 219 -7.36 37.42 10.71
C PHE A 219 -8.20 38.71 10.70
N PRO A 220 -9.07 38.90 9.70
CA PRO A 220 -9.30 38.06 8.52
C PRO A 220 -8.17 38.18 7.52
N PRO A 221 -7.83 37.10 6.82
CA PRO A 221 -6.65 37.16 5.93
C PRO A 221 -6.86 38.14 4.79
N ALA A 222 -5.90 39.05 4.65
CA ALA A 222 -5.96 40.00 3.53
C ALA A 222 -5.78 39.27 2.20
N MET A 223 -4.95 38.23 2.18
CA MET A 223 -4.70 37.43 0.99
C MET A 223 -5.42 36.10 1.16
N VAL A 224 -6.57 35.97 0.49
CA VAL A 224 -7.34 34.73 0.53
C VAL A 224 -7.30 33.98 -0.81
N ASP A 225 -6.88 34.63 -1.90
CA ASP A 225 -6.74 33.97 -3.20
C ASP A 225 -5.58 34.64 -3.93
N ALA A 226 -4.38 34.10 -3.72
CA ALA A 226 -3.17 34.67 -4.30
C ALA A 226 -3.05 34.43 -5.80
N GLY A 227 -3.96 33.67 -6.40
CA GLY A 227 -3.97 33.48 -7.84
C GLY A 227 -4.82 34.46 -8.60
N LYS A 228 -5.54 35.35 -7.91
CA LYS A 228 -6.46 36.25 -8.59
C LYS A 228 -5.74 37.26 -9.47
N GLY A 229 -4.50 37.59 -9.13
CA GLY A 229 -3.73 38.56 -9.89
C GLY A 229 -2.92 37.99 -11.02
N LYS A 230 -3.04 36.69 -11.29
CA LYS A 230 -2.28 36.02 -12.33
C LYS A 230 -3.20 35.56 -13.45
N THR A 231 -2.64 35.47 -14.65
CA THR A 231 -3.35 34.81 -15.74
C THR A 231 -3.50 33.33 -15.45
N ALA A 232 -4.45 32.68 -16.14
CA ALA A 232 -4.65 31.25 -15.96
C ALA A 232 -3.38 30.47 -16.23
N GLU A 233 -2.63 30.87 -17.26
CA GLU A 233 -1.38 30.17 -17.57
C GLU A 233 -0.36 30.35 -16.45
N ALA A 234 -0.17 31.59 -15.99
CA ALA A 234 0.77 31.85 -14.91
C ALA A 234 0.33 31.17 -13.62
N ARG A 235 -0.98 31.13 -13.36
CA ARG A 235 -1.48 30.45 -12.17
C ARG A 235 -1.13 28.97 -12.21
N LYS A 236 -1.39 28.31 -13.34
CA LYS A 236 -1.07 26.89 -13.47
C LYS A 236 0.41 26.62 -13.23
N THR A 237 1.27 27.39 -13.91
CA THR A 237 2.71 27.19 -13.74
C THR A 237 3.13 27.42 -12.29
N TRP A 238 2.62 28.47 -11.67
CA TRP A 238 2.98 28.78 -10.29
C TRP A 238 2.53 27.67 -9.35
N LEU A 239 1.32 27.15 -9.54
CA LEU A 239 0.84 26.09 -8.65
C LEU A 239 1.61 24.79 -8.84
N GLU A 240 2.00 24.49 -10.08
CA GLU A 240 2.78 23.28 -10.32
C GLU A 240 4.16 23.39 -9.70
N GLU A 241 4.80 24.55 -9.80
CA GLU A 241 6.09 24.76 -9.14
C GLU A 241 5.95 24.60 -7.63
N GLN A 242 4.96 25.26 -7.03
CA GLN A 242 4.74 25.13 -5.60
C GLN A 242 4.42 23.68 -5.23
N GLY A 243 3.64 23.00 -6.07
CA GLY A 243 3.34 21.60 -5.81
C GLY A 243 4.58 20.73 -5.79
N MET A 244 5.55 21.02 -6.67
CA MET A 244 6.77 20.22 -6.69
C MET A 244 7.63 20.46 -5.46
N ILE A 245 7.65 21.71 -4.96
CA ILE A 245 8.37 21.98 -3.73
C ILE A 245 7.85 21.09 -2.60
N LEU A 246 6.53 20.97 -2.49
CA LEU A 246 5.97 20.15 -1.43
C LEU A 246 6.19 18.67 -1.70
N LYS A 247 6.03 18.24 -2.95
CA LYS A 247 6.20 16.83 -3.29
C LYS A 247 7.62 16.35 -3.01
N GLN A 248 8.62 17.07 -3.52
CA GLN A 248 9.99 16.61 -3.32
C GLN A 248 10.41 16.72 -1.87
N THR A 249 9.87 17.69 -1.13
CA THR A 249 10.14 17.73 0.31
C THR A 249 9.51 16.54 1.01
N PHE A 250 8.26 16.21 0.66
CA PHE A 250 7.58 15.11 1.33
C PHE A 250 8.25 13.77 1.02
N CYS A 251 8.67 13.56 -0.22
CA CYS A 251 9.32 12.31 -0.57
CA CYS A 251 9.32 12.31 -0.57
C CYS A 251 10.63 12.10 0.19
N GLU A 252 11.27 13.19 0.64
CA GLU A 252 12.47 13.09 1.47
C GLU A 252 12.16 13.10 2.95
N VAL A 253 11.04 13.70 3.35
CA VAL A 253 10.60 13.73 4.74
C VAL A 253 9.10 13.41 4.75
N PRO A 254 8.70 12.18 4.46
CA PRO A 254 7.28 11.84 4.41
C PRO A 254 6.65 11.80 5.79
N ASP A 255 6.62 12.95 6.46
CA ASP A 255 6.18 13.04 7.86
C ASP A 255 5.39 14.34 8.00
N LEU A 256 4.06 14.23 8.03
CA LEU A 256 3.25 15.43 8.15
C LEU A 256 3.44 16.11 9.51
N ASP A 257 3.70 15.33 10.56
CA ASP A 257 3.96 15.94 11.86
C ASP A 257 5.14 16.90 11.80
N ARG A 258 6.06 16.71 10.85
CA ARG A 258 7.21 17.58 10.70
C ARG A 258 6.96 18.71 9.70
N ILE A 259 6.23 18.42 8.62
CA ILE A 259 6.06 19.40 7.55
C ILE A 259 5.04 20.46 7.93
N ILE A 260 3.89 20.03 8.46
CA ILE A 260 2.79 20.98 8.69
C ILE A 260 3.19 22.09 9.64
N PRO A 261 3.83 21.83 10.78
CA PRO A 261 4.28 22.95 11.64
C PRO A 261 5.13 23.95 10.90
N VAL A 262 6.12 23.49 10.13
CA VAL A 262 6.94 24.41 9.34
C VAL A 262 6.09 25.12 8.31
N LEU A 263 5.18 24.38 7.66
CA LEU A 263 4.36 24.97 6.62
C LEU A 263 3.50 26.10 7.16
N LEU A 264 2.98 25.95 8.39
CA LEU A 264 2.10 26.96 8.95
C LEU A 264 2.88 28.17 9.47
N GLU A 265 4.13 27.99 9.89
CA GLU A 265 4.89 29.08 10.47
C GLU A 265 5.75 29.82 9.45
N HIS A 266 6.27 29.14 8.43
CA HIS A 266 7.18 29.75 7.48
C HIS A 266 6.68 29.76 6.05
N GLY A 267 5.60 29.04 5.73
CA GLY A 267 5.07 29.01 4.39
C GLY A 267 5.77 27.97 3.51
N LEU A 268 5.14 27.70 2.36
CA LEU A 268 5.61 26.62 1.50
C LEU A 268 6.89 27.00 0.78
N GLU A 269 7.00 28.27 0.34
CA GLU A 269 8.18 28.68 -0.41
C GLU A 269 9.46 28.47 0.38
N ARG A 270 9.41 28.61 1.70
CA ARG A 270 10.57 28.41 2.56
C ARG A 270 10.63 27.01 3.16
N LEU A 271 9.82 26.08 2.67
CA LEU A 271 9.80 24.74 3.26
C LEU A 271 11.14 24.02 3.12
N PRO A 272 11.80 24.01 1.97
CA PRO A 272 13.07 23.27 1.85
C PRO A 272 14.13 23.70 2.84
N GLU A 273 14.07 24.93 3.35
CA GLU A 273 15.10 25.41 4.27
C GLU A 273 14.96 24.84 5.66
N HIS A 274 13.79 24.31 6.02
CA HIS A 274 13.54 23.78 7.35
C HIS A 274 13.22 22.29 7.37
N CYS A 275 13.17 21.64 6.20
CA CYS A 275 12.86 20.20 6.14
CA CYS A 275 12.86 20.21 6.14
C CYS A 275 13.66 19.60 5.00
N LYS A 276 14.58 18.70 5.33
CA LYS A 276 15.42 18.09 4.32
C LYS A 276 15.79 16.66 4.72
N LEU A 277 16.21 15.90 3.72
CA LEU A 277 16.62 14.52 3.93
C LEU A 277 17.66 14.42 5.03
N SER A 278 17.42 13.50 5.98
CA SER A 278 18.33 13.30 7.10
CA SER A 278 18.32 13.30 7.11
C SER A 278 18.28 11.85 7.53
N PRO A 279 19.42 11.23 7.85
CA PRO A 279 19.39 9.87 8.38
C PRO A 279 18.55 9.78 9.64
N GLY A 280 17.77 8.70 9.75
CA GLY A 280 16.86 8.50 10.84
C GLY A 280 15.41 8.78 10.51
N ILE A 281 15.16 9.50 9.43
CA ILE A 281 13.80 9.76 8.95
C ILE A 281 13.66 9.07 7.60
N PRO A 282 12.82 8.04 7.47
CA PRO A 282 12.76 7.30 6.21
C PRO A 282 12.30 8.20 5.08
N LEU A 283 12.70 7.84 3.86
CA LEU A 283 12.30 8.54 2.66
C LEU A 283 11.56 7.60 1.73
N LYS A 284 10.76 8.18 0.84
CA LYS A 284 10.05 7.38 -0.15
C LYS A 284 11.05 6.66 -1.05
N PRO A 285 10.92 5.35 -1.25
CA PRO A 285 11.87 4.64 -2.10
C PRO A 285 11.52 4.72 -3.57
N MET A 286 12.54 4.56 -4.41
CA MET A 286 12.32 4.48 -5.84
C MET A 286 11.66 3.15 -6.18
N LEU A 287 10.64 3.20 -7.02
CA LEU A 287 9.85 2.04 -7.40
C LEU A 287 10.13 1.67 -8.85
N ALA A 288 9.49 0.60 -9.32
CA ALA A 288 9.79 0.05 -10.62
C ALA A 288 8.52 -0.15 -11.43
N HIS A 289 8.64 0.04 -12.73
CA HIS A 289 7.56 -0.17 -13.68
C HIS A 289 7.67 -1.56 -14.29
N PRO A 290 6.60 -2.34 -14.36
CA PRO A 290 6.70 -3.66 -14.97
C PRO A 290 6.91 -3.57 -16.46
N THR A 291 7.80 -4.42 -16.97
CA THR A 291 8.10 -4.48 -18.40
CA THR A 291 8.11 -4.48 -18.39
C THR A 291 7.95 -5.91 -18.88
N ARG A 292 7.32 -6.08 -20.04
CA ARG A 292 6.94 -7.39 -20.53
C ARG A 292 8.00 -8.06 -21.39
N GLY A 293 9.17 -7.46 -21.56
CA GLY A 293 10.20 -8.11 -22.35
C GLY A 293 11.38 -7.19 -22.56
N ILE A 294 12.46 -7.80 -23.08
CA ILE A 294 13.69 -7.05 -23.33
C ILE A 294 13.46 -5.96 -24.36
N SER A 295 12.69 -6.28 -25.42
CA SER A 295 12.43 -5.29 -26.45
C SER A 295 11.76 -4.05 -25.88
N GLU A 296 10.82 -4.24 -24.94
CA GLU A 296 10.16 -3.10 -24.32
C GLU A 296 11.13 -2.29 -23.47
N VAL A 297 12.17 -2.93 -22.91
CA VAL A 297 13.17 -2.20 -22.16
C VAL A 297 13.92 -1.23 -23.07
N LEU A 298 14.47 -1.74 -24.16
CA LEU A 298 15.18 -0.89 -25.11
C LEU A 298 14.30 0.27 -25.55
N LYS A 299 13.07 -0.02 -25.98
CA LYS A 299 12.17 1.03 -26.42
C LYS A 299 12.00 2.10 -25.36
N ARG A 300 11.91 1.70 -24.09
CA ARG A 300 11.77 2.66 -23.01
C ARG A 300 13.08 3.37 -22.71
N PHE A 301 14.21 2.67 -22.85
CA PHE A 301 15.54 3.23 -22.60
C PHE A 301 16.33 3.40 -23.90
N GLU A 302 15.68 3.90 -24.94
CA GLU A 302 16.39 4.23 -26.17
C GLU A 302 17.45 5.28 -25.90
N GLU A 303 18.66 5.05 -26.40
CA GLU A 303 19.76 6.00 -26.29
C GLU A 303 20.38 5.99 -24.89
N ALA A 304 19.54 6.08 -23.86
CA ALA A 304 20.04 6.15 -22.49
C ALA A 304 20.75 4.86 -22.11
N ALA A 305 22.03 4.96 -21.78
CA ALA A 305 22.76 3.81 -21.24
C ALA A 305 22.11 3.37 -19.94
N PHE A 306 22.09 2.07 -19.71
CA PHE A 306 21.45 1.52 -18.52
C PHE A 306 22.24 0.32 -18.02
N THR A 307 21.91 -0.08 -16.78
CA THR A 307 22.50 -1.25 -16.16
C THR A 307 21.40 -2.25 -15.82
N CYS A 308 21.74 -3.53 -15.86
CA CYS A 308 20.87 -4.61 -15.43
C CYS A 308 21.41 -5.17 -14.12
N GLU A 309 20.49 -5.47 -13.20
CA GLU A 309 20.86 -6.02 -11.90
C GLU A 309 19.91 -7.13 -11.53
N TYR A 310 20.43 -8.14 -10.85
CA TYR A 310 19.58 -9.19 -10.30
C TYR A 310 18.48 -8.57 -9.46
N LYS A 311 17.25 -9.02 -9.67
CA LYS A 311 16.13 -8.65 -8.81
C LYS A 311 16.00 -9.73 -7.75
N TYR A 312 16.52 -9.47 -6.56
CA TYR A 312 16.54 -10.46 -5.50
C TYR A 312 15.16 -10.60 -4.87
N ASP A 313 14.88 -11.81 -4.38
CA ASP A 313 13.57 -12.15 -3.83
C ASP A 313 13.67 -12.09 -2.31
N GLY A 314 13.65 -10.87 -1.78
CA GLY A 314 13.70 -10.65 -0.35
C GLY A 314 12.78 -9.54 0.10
N GLN A 315 13.25 -8.73 1.05
CA GLN A 315 12.51 -7.59 1.57
C GLN A 315 13.37 -6.35 1.50
N ARG A 316 12.79 -5.23 1.08
CA ARG A 316 13.55 -3.99 1.00
C ARG A 316 13.98 -3.55 2.39
N ALA A 317 15.23 -3.09 2.50
CA ALA A 317 15.79 -2.62 3.75
C ALA A 317 16.48 -1.29 3.48
N GLN A 318 15.88 -0.20 3.94
CA GLN A 318 16.48 1.13 3.86
C GLN A 318 17.28 1.34 5.14
N ILE A 319 18.60 1.29 5.04
CA ILE A 319 19.49 1.29 6.20
C ILE A 319 20.02 2.69 6.42
N HIS A 320 19.75 3.24 7.60
CA HIS A 320 20.17 4.59 7.97
C HIS A 320 21.25 4.51 9.04
N ALA A 321 22.37 5.20 8.80
CA ALA A 321 23.44 5.33 9.78
C ALA A 321 23.57 6.80 10.13
N LEU A 322 23.17 7.17 11.34
CA LEU A 322 23.18 8.56 11.75
C LEU A 322 24.56 8.97 12.24
N GLU A 323 24.88 10.25 12.03
CA GLU A 323 26.10 10.81 12.59
C GLU A 323 26.06 10.68 14.10
N GLY A 324 26.91 9.82 14.67
CA GLY A 324 26.89 9.56 16.08
C GLY A 324 26.99 8.09 16.40
N GLY A 325 26.47 7.24 15.51
CA GLY A 325 26.60 5.80 15.66
C GLY A 325 25.29 5.05 15.56
N GLU A 326 24.17 5.73 15.79
CA GLU A 326 22.88 5.05 15.79
C GLU A 326 22.54 4.55 14.39
N VAL A 327 21.98 3.36 14.32
CA VAL A 327 21.55 2.74 13.06
C VAL A 327 20.05 2.50 13.14
N LYS A 328 19.36 2.78 12.04
CA LYS A 328 17.95 2.48 11.90
C LYS A 328 17.70 1.86 10.53
N ILE A 329 16.73 0.96 10.48
CA ILE A 329 16.40 0.22 9.27
C ILE A 329 14.90 0.38 9.03
N PHE A 330 14.54 0.75 7.81
CA PHE A 330 13.14 0.99 7.46
C PHE A 330 12.73 0.11 6.30
N SER A 331 11.43 -0.18 6.23
CA SER A 331 10.86 -0.99 5.17
C SER A 331 10.52 -0.11 3.97
N ARG A 332 10.02 -0.75 2.91
CA ARG A 332 9.60 -0.03 1.72
C ARG A 332 8.47 0.94 2.02
N ASN A 333 7.67 0.65 3.05
CA ASN A 333 6.56 1.51 3.45
C ASN A 333 6.91 2.40 4.64
N GLN A 334 8.20 2.65 4.86
CA GLN A 334 8.68 3.55 5.92
C GLN A 334 8.36 3.01 7.31
N GLU A 335 8.08 1.72 7.44
CA GLU A 335 7.92 1.12 8.75
C GLU A 335 9.28 0.91 9.40
N ASP A 336 9.33 1.07 10.72
CA ASP A 336 10.57 0.89 11.46
C ASP A 336 10.82 -0.60 11.69
N ASN A 337 11.86 -1.14 11.04
CA ASN A 337 12.24 -2.54 11.18
C ASN A 337 13.52 -2.71 11.98
N THR A 338 13.94 -1.68 12.71
CA THR A 338 15.22 -1.73 13.41
C THR A 338 15.28 -2.92 14.36
N GLY A 339 14.26 -3.06 15.21
CA GLY A 339 14.23 -4.16 16.16
C GLY A 339 14.17 -5.53 15.51
N LYS A 340 13.93 -5.59 14.19
CA LYS A 340 13.85 -6.86 13.48
C LYS A 340 15.20 -7.40 13.07
N TYR A 341 16.22 -6.55 12.93
CA TYR A 341 17.51 -6.93 12.35
C TYR A 341 18.66 -6.58 13.27
N PRO A 342 18.69 -7.13 14.48
CA PRO A 342 19.87 -6.90 15.33
C PRO A 342 21.16 -7.40 14.71
N ASP A 343 21.07 -8.41 13.84
CA ASP A 343 22.27 -8.91 13.17
C ASP A 343 22.82 -7.91 12.15
N ILE A 344 21.94 -7.12 11.52
CA ILE A 344 22.41 -6.11 10.58
C ILE A 344 23.03 -4.94 11.32
N ILE A 345 22.42 -4.53 12.43
CA ILE A 345 22.96 -3.41 13.21
C ILE A 345 24.40 -3.69 13.63
N SER A 346 24.65 -4.89 14.15
CA SER A 346 25.99 -5.27 14.56
C SER A 346 26.93 -5.49 13.38
N ARG A 347 26.39 -5.49 12.15
CA ARG A 347 27.18 -5.70 10.95
C ARG A 347 27.67 -4.42 10.31
N ILE A 348 27.06 -3.27 10.65
CA ILE A 348 27.36 -2.03 9.94
C ILE A 348 28.82 -1.66 10.01
N PRO A 349 29.51 -1.80 11.16
CA PRO A 349 30.94 -1.43 11.18
C PRO A 349 31.78 -2.15 10.14
N LYS A 350 31.34 -3.31 9.66
CA LYS A 350 32.12 -4.09 8.70
C LYS A 350 31.97 -3.61 7.26
N ILE A 351 30.91 -2.87 6.95
CA ILE A 351 30.55 -2.61 5.56
C ILE A 351 31.05 -1.25 5.07
N LYS A 352 31.75 -0.48 5.89
CA LYS A 352 32.09 0.89 5.55
C LYS A 352 33.55 1.18 5.89
N LEU A 353 34.14 2.12 5.17
CA LEU A 353 35.48 2.58 5.45
C LEU A 353 35.48 3.54 6.63
N PRO A 354 36.63 3.74 7.27
CA PRO A 354 36.68 4.65 8.43
C PRO A 354 36.22 6.07 8.14
N SER A 355 36.22 6.50 6.87
CA SER A 355 35.83 7.85 6.53
C SER A 355 34.33 8.03 6.44
N VAL A 356 33.54 6.96 6.53
CA VAL A 356 32.09 7.05 6.41
C VAL A 356 31.50 7.39 7.77
N THR A 357 30.87 8.56 7.86
CA THR A 357 30.29 9.05 9.10
C THR A 357 28.78 8.93 9.16
N SER A 358 28.11 8.87 8.01
CA SER A 358 26.67 8.69 7.97
C SER A 358 26.30 8.26 6.55
N PHE A 359 25.16 7.60 6.42
CA PHE A 359 24.72 7.18 5.10
C PHE A 359 23.28 6.72 5.16
N ILE A 360 22.68 6.62 3.97
CA ILE A 360 21.41 5.94 3.77
C ILE A 360 21.59 4.99 2.59
N LEU A 361 21.45 3.69 2.86
CA LEU A 361 21.63 2.65 1.87
C LEU A 361 20.28 2.08 1.46
N ASP A 362 20.19 1.68 0.20
CA ASP A 362 19.02 1.00 -0.36
C ASP A 362 19.46 -0.44 -0.66
N THR A 363 18.92 -1.39 0.10
CA THR A 363 19.34 -2.78 0.00
C THR A 363 18.14 -3.70 -0.05
N GLU A 364 18.41 -4.95 -0.42
CA GLU A 364 17.44 -6.03 -0.32
C GLU A 364 17.98 -7.02 0.71
N ALA A 365 17.20 -7.27 1.76
CA ALA A 365 17.53 -8.29 2.75
C ALA A 365 17.00 -9.63 2.25
N VAL A 366 17.90 -10.59 2.08
CA VAL A 366 17.59 -11.90 1.51
C VAL A 366 18.01 -12.97 2.50
N ALA A 367 17.11 -13.92 2.75
CA ALA A 367 17.46 -15.06 3.59
C ALA A 367 18.66 -15.79 3.01
N TRP A 368 19.58 -16.20 3.89
CA TRP A 368 20.86 -16.74 3.48
C TRP A 368 21.20 -17.96 4.32
N ASP A 369 21.53 -19.06 3.65
CA ASP A 369 21.96 -20.29 4.32
C ASP A 369 23.48 -20.25 4.43
N ARG A 370 23.99 -20.05 5.64
CA ARG A 370 25.43 -19.91 5.82
C ARG A 370 26.15 -21.23 5.64
N GLU A 371 25.49 -22.36 5.92
CA GLU A 371 26.11 -23.65 5.71
C GLU A 371 26.35 -23.92 4.23
N LYS A 372 25.32 -23.80 3.42
CA LYS A 372 25.46 -24.02 1.98
C LYS A 372 25.91 -22.78 1.24
N LYS A 373 25.86 -21.63 1.89
CA LYS A 373 26.18 -20.36 1.24
C LYS A 373 25.33 -20.17 -0.02
N GLN A 374 24.02 -20.17 0.20
CA GLN A 374 23.05 -20.05 -0.88
C GLN A 374 21.87 -19.20 -0.42
N ILE A 375 21.31 -18.45 -1.37
CA ILE A 375 20.08 -17.71 -1.10
C ILE A 375 18.97 -18.69 -0.78
N GLN A 376 18.11 -18.31 0.18
CA GLN A 376 16.93 -19.09 0.54
C GLN A 376 15.66 -18.37 0.09
N PRO A 377 14.57 -19.11 -0.14
CA PRO A 377 13.35 -18.48 -0.67
C PRO A 377 12.83 -17.39 0.24
N PHE A 378 12.02 -16.51 -0.36
CA PHE A 378 11.38 -15.45 0.40
C PHE A 378 10.53 -16.00 1.54
N GLN A 379 9.89 -17.16 1.32
CA GLN A 379 9.06 -17.74 2.36
CA GLN A 379 9.05 -17.73 2.36
C GLN A 379 9.84 -17.98 3.64
N VAL A 380 11.10 -18.42 3.51
CA VAL A 380 11.93 -18.62 4.69
C VAL A 380 12.19 -17.30 5.40
N LEU A 381 12.41 -16.23 4.62
CA LEU A 381 12.68 -14.93 5.23
C LEU A 381 11.52 -14.48 6.11
N THR A 382 10.29 -14.76 5.69
CA THR A 382 9.12 -14.29 6.43
C THR A 382 8.96 -14.99 7.78
N THR A 383 9.73 -16.03 8.06
CA THR A 383 9.63 -16.71 9.35
C THR A 383 10.47 -16.03 10.43
N ARG A 384 11.21 -14.98 10.11
CA ARG A 384 11.92 -14.25 11.14
C ARG A 384 10.94 -13.54 12.06
N LYS A 385 11.33 -13.42 13.33
CA LYS A 385 10.51 -12.68 14.28
C LYS A 385 10.50 -11.19 13.93
N ARG A 386 9.44 -10.51 14.36
CA ARG A 386 9.30 -9.09 14.08
C ARG A 386 10.18 -8.25 15.00
N LYS A 387 10.37 -8.70 16.24
CA LYS A 387 11.29 -8.06 17.18
C LYS A 387 12.18 -9.14 17.77
N GLU A 388 13.49 -8.98 17.61
CA GLU A 388 14.47 -9.90 18.19
C GLU A 388 15.51 -9.07 18.93
N VAL A 389 15.57 -9.24 20.26
CA VAL A 389 16.52 -8.48 21.05
C VAL A 389 17.92 -9.06 20.91
N ASP A 390 18.04 -10.38 20.80
CA ASP A 390 19.32 -11.07 20.78
C ASP A 390 19.58 -11.62 19.39
N ALA A 391 20.67 -11.17 18.76
CA ALA A 391 21.06 -11.72 17.47
C ALA A 391 21.49 -13.18 17.57
N SER A 392 21.75 -13.68 18.78
CA SER A 392 22.20 -15.07 18.95
C SER A 392 21.07 -16.08 18.83
N GLU A 393 19.82 -15.63 18.90
CA GLU A 393 18.67 -16.52 18.75
C GLU A 393 18.08 -16.48 17.34
N ILE A 394 18.65 -15.67 16.44
CA ILE A 394 18.18 -15.64 15.07
C ILE A 394 18.44 -17.00 14.43
N GLN A 395 17.43 -17.52 13.73
CA GLN A 395 17.55 -18.80 13.03
CA GLN A 395 17.55 -18.80 13.03
C GLN A 395 17.66 -18.65 11.53
N VAL A 396 17.14 -17.57 10.95
CA VAL A 396 17.22 -17.31 9.52
C VAL A 396 18.17 -16.13 9.35
N GLN A 397 19.39 -16.41 8.92
CA GLN A 397 20.34 -15.35 8.63
C GLN A 397 19.95 -14.65 7.33
N VAL A 398 20.46 -13.44 7.17
CA VAL A 398 20.17 -12.65 5.99
C VAL A 398 21.46 -12.11 5.40
N CYS A 399 21.47 -11.96 4.08
CA CYS A 399 22.54 -11.32 3.35
C CYS A 399 21.98 -10.06 2.71
N LEU A 400 22.65 -8.93 2.95
CA LEU A 400 22.23 -7.67 2.36
C LEU A 400 22.80 -7.54 0.96
N TYR A 401 21.92 -7.30 -0.01
CA TYR A 401 22.30 -7.01 -1.39
C TYR A 401 22.03 -5.54 -1.64
N ALA A 402 23.08 -4.72 -1.59
CA ALA A 402 22.95 -3.28 -1.71
C ALA A 402 22.95 -2.87 -3.18
N PHE A 403 22.07 -1.93 -3.53
CA PHE A 403 21.98 -1.47 -4.91
C PHE A 403 21.88 0.03 -5.05
N ASP A 404 21.87 0.80 -3.96
CA ASP A 404 21.85 2.25 -4.11
C ASP A 404 22.32 2.93 -2.83
N LEU A 405 22.84 4.14 -3.00
CA LEU A 405 23.32 4.97 -1.90
C LEU A 405 22.67 6.34 -2.06
N ILE A 406 21.85 6.72 -1.10
CA ILE A 406 21.04 7.93 -1.21
C ILE A 406 21.61 9.10 -0.41
N TYR A 407 22.47 8.83 0.57
CA TYR A 407 22.97 9.85 1.48
C TYR A 407 24.32 9.37 1.98
N LEU A 408 25.27 10.29 2.09
CA LEU A 408 26.64 9.92 2.44
C LEU A 408 27.33 11.09 3.12
N ASN A 409 27.81 10.87 4.34
CA ASN A 409 28.66 11.82 5.05
C ASN A 409 28.05 13.22 5.06
N GLY A 410 26.77 13.29 5.41
CA GLY A 410 26.10 14.56 5.59
C GLY A 410 25.58 15.21 4.32
N GLU A 411 25.70 14.55 3.17
CA GLU A 411 25.31 15.12 1.89
C GLU A 411 24.30 14.22 1.20
N SER A 412 23.22 14.82 0.69
CA SER A 412 22.21 14.09 -0.07
C SER A 412 22.70 13.82 -1.48
N LEU A 413 22.51 12.58 -1.94
CA LEU A 413 22.85 12.18 -3.30
C LEU A 413 21.62 12.09 -4.20
N VAL A 414 20.48 12.61 -3.75
CA VAL A 414 19.23 12.41 -4.47
C VAL A 414 19.31 12.95 -5.89
N ARG A 415 20.05 14.05 -6.08
CA ARG A 415 20.17 14.68 -7.40
C ARG A 415 21.33 14.14 -8.21
N GLU A 416 22.12 13.23 -7.66
CA GLU A 416 23.20 12.62 -8.42
C GLU A 416 22.65 11.52 -9.34
N PRO A 417 23.27 11.32 -10.50
CA PRO A 417 22.86 10.21 -11.36
C PRO A 417 23.32 8.88 -10.78
N LEU A 418 22.62 7.81 -11.18
CA LEU A 418 22.91 6.49 -10.65
C LEU A 418 24.38 6.12 -10.84
N SER A 419 24.95 6.48 -12.00
CA SER A 419 26.35 6.20 -12.25
C SER A 419 27.23 6.69 -11.10
N ARG A 420 26.93 7.89 -10.60
CA ARG A 420 27.73 8.47 -9.51
C ARG A 420 27.35 7.85 -8.17
N ARG A 421 26.07 7.64 -7.91
CA ARG A 421 25.66 7.02 -6.65
C ARG A 421 26.22 5.62 -6.54
N ARG A 422 26.22 4.87 -7.64
CA ARG A 422 26.77 3.52 -7.61
C ARG A 422 28.27 3.55 -7.39
N GLN A 423 28.96 4.53 -7.98
CA GLN A 423 30.41 4.63 -7.79
C GLN A 423 30.74 4.97 -6.35
N LEU A 424 29.95 5.84 -5.72
CA LEU A 424 30.18 6.16 -4.31
C LEU A 424 29.88 4.97 -3.42
N LEU A 425 28.90 4.15 -3.81
CA LEU A 425 28.64 2.92 -3.06
C LEU A 425 29.84 1.98 -3.11
N ARG A 426 30.41 1.79 -4.30
CA ARG A 426 31.53 0.87 -4.45
C ARG A 426 32.79 1.41 -3.78
N GLU A 427 32.99 2.73 -3.81
CA GLU A 427 34.23 3.32 -3.32
C GLU A 427 34.29 3.40 -1.80
N ASN A 428 33.15 3.49 -1.13
CA ASN A 428 33.11 3.76 0.30
C ASN A 428 32.63 2.58 1.14
N PHE A 429 32.14 1.52 0.53
CA PHE A 429 31.62 0.38 1.27
C PHE A 429 32.37 -0.89 0.89
N VAL A 430 32.38 -1.85 1.82
CA VAL A 430 33.21 -3.04 1.74
C VAL A 430 32.32 -4.27 1.71
N GLU A 431 32.61 -5.20 0.80
CA GLU A 431 31.82 -6.41 0.63
C GLU A 431 32.31 -7.52 1.55
N THR A 432 31.37 -8.31 2.05
CA THR A 432 31.67 -9.55 2.76
C THR A 432 30.69 -10.60 2.27
N GLU A 433 31.23 -11.71 1.73
CA GLU A 433 30.38 -12.75 1.18
C GLU A 433 29.36 -13.21 2.20
N GLY A 434 28.11 -13.36 1.74
CA GLY A 434 27.06 -13.86 2.60
C GLY A 434 26.59 -12.91 3.67
N GLU A 435 27.08 -11.68 3.70
CA GLU A 435 26.69 -10.72 4.73
C GLU A 435 26.29 -9.38 4.12
N PHE A 436 27.17 -8.81 3.29
CA PHE A 436 26.89 -7.55 2.62
C PHE A 436 27.64 -7.53 1.30
N VAL A 437 26.89 -7.52 0.19
CA VAL A 437 27.48 -7.59 -1.13
C VAL A 437 26.69 -6.68 -2.07
N PHE A 438 27.35 -6.25 -3.14
CA PHE A 438 26.71 -5.43 -4.16
C PHE A 438 25.88 -6.32 -5.09
N ALA A 439 24.72 -5.80 -5.48
CA ALA A 439 23.87 -6.54 -6.40
C ALA A 439 24.63 -6.90 -7.67
N THR A 440 24.52 -8.15 -8.10
CA THR A 440 25.14 -8.57 -9.35
C THR A 440 24.56 -7.76 -10.51
N SER A 441 25.43 -7.24 -11.37
CA SER A 441 25.01 -6.28 -12.37
C SER A 441 25.71 -6.54 -13.69
N LEU A 442 25.15 -5.94 -14.75
CA LEU A 442 25.71 -6.01 -16.09
C LEU A 442 25.40 -4.72 -16.81
N ASP A 443 26.43 -4.08 -17.37
CA ASP A 443 26.28 -2.87 -18.16
C ASP A 443 26.41 -3.25 -19.64
N THR A 444 25.30 -3.16 -20.37
CA THR A 444 25.29 -3.57 -21.77
C THR A 444 24.00 -3.10 -22.41
N LYS A 445 24.03 -3.01 -23.74
CA LYS A 445 22.82 -2.84 -24.54
C LYS A 445 22.66 -3.97 -25.55
N ASP A 446 23.44 -5.04 -25.42
CA ASP A 446 23.33 -6.20 -26.30
C ASP A 446 22.17 -7.07 -25.86
N ILE A 447 21.23 -7.33 -26.78
CA ILE A 447 20.02 -8.07 -26.41
C ILE A 447 20.36 -9.48 -25.99
N GLU A 448 21.35 -10.11 -26.63
CA GLU A 448 21.68 -11.49 -26.30
C GLU A 448 22.35 -11.59 -24.94
N GLN A 449 23.18 -10.60 -24.59
CA GLN A 449 23.79 -10.60 -23.26
C GLN A 449 22.75 -10.41 -22.18
N ILE A 450 21.74 -9.57 -22.44
CA ILE A 450 20.71 -9.32 -21.43
C ILE A 450 19.86 -10.56 -21.22
N ALA A 451 19.39 -11.18 -22.32
CA ALA A 451 18.60 -12.40 -22.20
C ALA A 451 19.40 -13.47 -21.47
N GLU A 452 20.70 -13.58 -21.76
CA GLU A 452 21.53 -14.54 -21.04
C GLU A 452 21.67 -14.14 -19.58
N PHE A 453 21.91 -12.86 -19.31
CA PHE A 453 21.97 -12.38 -17.93
C PHE A 453 20.65 -12.62 -17.21
N LEU A 454 19.53 -12.43 -17.92
CA LEU A 454 18.23 -12.71 -17.33
C LEU A 454 18.11 -14.19 -16.96
N GLU A 455 18.60 -15.07 -17.83
CA GLU A 455 18.52 -16.50 -17.56
C GLU A 455 19.36 -16.88 -16.34
N GLN A 456 20.53 -16.25 -16.18
CA GLN A 456 21.39 -16.57 -15.05
C GLN A 456 20.80 -16.07 -13.74
N SER A 457 20.16 -14.90 -13.76
CA SER A 457 19.53 -14.40 -12.55
C SER A 457 18.53 -15.40 -12.00
N VAL A 458 17.76 -16.04 -12.88
CA VAL A 458 16.79 -17.04 -12.43
C VAL A 458 17.50 -18.25 -11.85
N LYS A 459 18.54 -18.73 -12.56
CA LYS A 459 19.32 -19.85 -12.03
C LYS A 459 19.96 -19.51 -10.69
N ASP A 460 20.26 -18.23 -10.47
CA ASP A 460 20.85 -17.77 -9.22
C ASP A 460 19.79 -17.35 -8.20
N SER A 461 18.57 -17.88 -8.32
CA SER A 461 17.54 -17.74 -7.28
C SER A 461 16.99 -16.32 -7.19
N CYS A 462 16.77 -15.68 -8.32
CA CYS A 462 16.22 -14.33 -8.36
C CYS A 462 14.98 -14.31 -9.26
N GLU A 463 14.19 -13.25 -9.09
CA GLU A 463 12.93 -13.11 -9.83
C GLU A 463 13.14 -12.65 -11.26
N GLY A 464 14.32 -12.17 -11.61
CA GLY A 464 14.57 -11.59 -12.90
C GLY A 464 15.59 -10.48 -12.77
N LEU A 465 15.36 -9.39 -13.50
CA LEU A 465 16.30 -8.28 -13.56
C LEU A 465 15.61 -6.96 -13.23
N MET A 466 16.39 -6.05 -12.66
CA MET A 466 16.06 -4.65 -12.59
C MET A 466 16.91 -3.90 -13.61
N VAL A 467 16.31 -2.95 -14.32
CA VAL A 467 17.00 -2.17 -15.34
C VAL A 467 16.87 -0.69 -14.99
N LYS A 468 18.01 0.00 -14.95
CA LYS A 468 18.07 1.38 -14.49
C LYS A 468 19.02 2.18 -15.37
N THR A 469 18.60 3.38 -15.77
CA THR A 469 19.48 4.26 -16.52
C THR A 469 20.60 4.79 -15.62
N LEU A 470 21.76 5.01 -16.23
CA LEU A 470 22.95 5.41 -15.49
C LEU A 470 23.14 6.92 -15.42
N ASP A 471 22.73 7.65 -16.46
CA ASP A 471 23.00 9.09 -16.53
C ASP A 471 21.84 9.93 -17.02
N VAL A 472 20.97 9.43 -17.89
CA VAL A 472 19.82 10.18 -18.38
C VAL A 472 18.63 9.87 -17.49
N ASP A 473 18.11 10.89 -16.80
CA ASP A 473 16.97 10.74 -15.89
C ASP A 473 17.23 9.60 -14.90
N ALA A 474 18.43 9.61 -14.33
CA ALA A 474 18.90 8.53 -13.46
C ALA A 474 19.06 8.99 -12.01
N THR A 475 18.39 10.06 -11.62
CA THR A 475 18.50 10.56 -10.26
C THR A 475 17.56 9.77 -9.34
N TYR A 476 17.53 10.16 -8.08
CA TYR A 476 16.68 9.54 -7.06
C TYR A 476 15.61 10.53 -6.58
N GLU A 477 15.02 11.27 -7.52
CA GLU A 477 14.01 12.28 -7.22
C GLU A 477 12.64 11.65 -7.45
N ILE A 478 12.03 11.16 -6.37
CA ILE A 478 10.78 10.42 -6.51
C ILE A 478 9.65 11.35 -6.96
N ALA A 479 9.70 12.63 -6.58
CA ALA A 479 8.63 13.54 -6.96
C ALA A 479 8.57 13.75 -8.46
N LYS A 480 9.71 13.61 -9.15
CA LYS A 480 9.71 13.72 -10.60
C LYS A 480 9.19 12.45 -11.26
N ARG A 481 9.58 11.28 -10.73
CA ARG A 481 9.07 10.00 -11.23
C ARG A 481 9.33 8.95 -10.17
N SER A 482 8.26 8.37 -9.63
CA SER A 482 8.42 7.37 -8.58
C SER A 482 8.82 6.02 -9.14
N HIS A 483 8.42 5.70 -10.38
CA HIS A 483 8.73 4.42 -10.99
C HIS A 483 9.78 4.60 -12.09
N ASN A 484 10.96 5.08 -11.70
CA ASN A 484 12.02 5.37 -12.64
C ASN A 484 12.76 4.12 -13.12
N TRP A 485 12.61 3.01 -12.40
CA TRP A 485 13.28 1.77 -12.74
C TRP A 485 12.33 0.82 -13.46
N LEU A 486 12.91 -0.15 -14.15
CA LEU A 486 12.16 -1.18 -14.85
C LEU A 486 12.47 -2.53 -14.22
N LYS A 487 11.43 -3.33 -14.01
CA LYS A 487 11.56 -4.69 -13.47
C LYS A 487 11.16 -5.68 -14.55
N LEU A 488 12.04 -6.63 -14.82
CA LEU A 488 11.85 -7.65 -15.85
C LEU A 488 11.82 -9.01 -15.15
N LYS A 489 10.62 -9.43 -14.76
CA LYS A 489 10.43 -10.71 -14.09
C LYS A 489 10.18 -11.82 -15.11
N LYS A 490 10.61 -13.03 -14.76
CA LYS A 490 10.42 -14.18 -15.64
C LYS A 490 8.95 -14.34 -16.01
N ASP A 491 8.08 -14.35 -15.00
CA ASP A 491 6.66 -14.59 -15.24
C ASP A 491 5.96 -13.46 -16.00
N TYR A 492 6.68 -12.41 -16.41
CA TYR A 492 6.10 -11.37 -17.25
C TYR A 492 6.12 -11.75 -18.73
N LEU A 493 7.10 -12.55 -19.15
CA LEU A 493 7.33 -12.80 -20.56
C LEU A 493 6.27 -13.76 -21.13
N ASP A 494 6.09 -13.68 -22.44
CA ASP A 494 5.13 -14.53 -23.11
C ASP A 494 5.55 -15.99 -23.06
N GLY A 495 4.62 -16.87 -22.74
CA GLY A 495 4.87 -18.30 -22.73
C GLY A 495 5.78 -18.78 -21.63
N VAL A 496 6.23 -17.91 -20.74
CA VAL A 496 7.12 -18.29 -19.64
C VAL A 496 6.34 -18.17 -18.33
N GLY A 497 6.69 -19.04 -17.39
CA GLY A 497 6.06 -19.05 -16.08
C GLY A 497 5.04 -20.17 -15.95
N ASP A 498 4.55 -20.32 -14.71
CA ASP A 498 3.58 -21.35 -14.40
C ASP A 498 2.19 -20.92 -14.85
N THR A 499 1.56 -21.74 -15.70
CA THR A 499 0.21 -21.50 -16.18
C THR A 499 -0.64 -22.73 -15.86
N LEU A 500 -1.75 -22.52 -15.16
CA LEU A 500 -2.61 -23.60 -14.71
C LEU A 500 -4.04 -23.36 -15.17
N ASP A 501 -4.75 -24.46 -15.43
CA ASP A 501 -6.17 -24.44 -15.72
C ASP A 501 -6.91 -24.95 -14.49
N LEU A 502 -7.72 -24.07 -13.89
CA LEU A 502 -8.32 -24.34 -12.59
C LEU A 502 -9.83 -24.14 -12.65
N VAL A 503 -10.54 -24.91 -11.81
CA VAL A 503 -12.00 -24.91 -11.78
C VAL A 503 -12.49 -23.86 -10.79
N VAL A 504 -13.49 -23.10 -11.20
CA VAL A 504 -14.12 -22.12 -10.33
C VAL A 504 -15.18 -22.83 -9.49
N ILE A 505 -14.97 -22.86 -8.18
CA ILE A 505 -15.87 -23.57 -7.27
C ILE A 505 -16.59 -22.64 -6.31
N GLY A 506 -16.27 -21.36 -6.30
CA GLY A 506 -16.93 -20.43 -5.41
C GLY A 506 -16.68 -19.00 -5.84
N ALA A 507 -17.56 -18.11 -5.40
CA ALA A 507 -17.46 -16.69 -5.70
C ALA A 507 -17.61 -15.88 -4.42
N TYR A 508 -16.89 -14.78 -4.34
CA TYR A 508 -16.96 -13.86 -3.22
C TYR A 508 -17.55 -12.52 -3.71
N LEU A 509 -18.45 -11.97 -2.91
CA LEU A 509 -19.10 -10.72 -3.29
C LEU A 509 -18.09 -9.58 -3.30
N GLY A 510 -18.17 -8.74 -4.33
CA GLY A 510 -17.20 -7.68 -4.49
C GLY A 510 -17.43 -6.52 -3.53
N ARG A 511 -16.35 -5.80 -3.27
CA ARG A 511 -16.37 -4.63 -2.40
C ARG A 511 -15.95 -3.40 -3.19
N GLY A 512 -16.51 -2.25 -2.81
CA GLY A 512 -16.10 -0.99 -3.41
C GLY A 512 -16.38 -0.97 -4.90
N LYS A 513 -15.32 -0.85 -5.70
CA LYS A 513 -15.48 -0.83 -7.15
C LYS A 513 -16.10 -2.12 -7.68
N ARG A 514 -16.08 -3.19 -6.88
CA ARG A 514 -16.65 -4.47 -7.27
C ARG A 514 -18.02 -4.71 -6.66
N ALA A 515 -18.58 -3.73 -5.96
CA ALA A 515 -19.85 -3.93 -5.27
C ALA A 515 -20.94 -4.32 -6.25
N GLY A 516 -21.90 -5.12 -5.77
CA GLY A 516 -22.94 -5.66 -6.61
C GLY A 516 -22.46 -6.71 -7.59
N ARG A 517 -21.21 -7.15 -7.46
CA ARG A 517 -20.59 -8.05 -8.40
C ARG A 517 -19.81 -9.09 -7.60
N TYR A 518 -19.13 -10.00 -8.31
CA TYR A 518 -18.18 -10.91 -7.68
C TYR A 518 -16.80 -10.25 -7.73
N GLY A 519 -16.17 -10.10 -6.58
CA GLY A 519 -14.87 -9.48 -6.52
C GLY A 519 -13.74 -10.50 -6.60
N GLY A 520 -14.03 -11.73 -6.16
CA GLY A 520 -13.03 -12.78 -6.17
C GLY A 520 -13.68 -14.12 -6.38
N PHE A 521 -12.84 -15.13 -6.61
CA PHE A 521 -13.31 -16.47 -6.90
C PHE A 521 -12.39 -17.48 -6.24
N LEU A 522 -12.95 -18.63 -5.90
CA LEU A 522 -12.20 -19.74 -5.33
C LEU A 522 -11.93 -20.77 -6.42
N LEU A 523 -10.66 -21.11 -6.60
CA LEU A 523 -10.23 -22.02 -7.66
C LEU A 523 -9.75 -23.34 -7.07
N ALA A 524 -9.84 -24.40 -7.88
CA ALA A 524 -9.47 -25.73 -7.44
C ALA A 524 -8.77 -26.49 -8.55
N SER A 525 -7.86 -27.37 -8.15
CA SER A 525 -7.29 -28.37 -9.05
C SER A 525 -8.08 -29.67 -8.93
N TYR A 526 -7.83 -30.58 -9.86
CA TYR A 526 -8.53 -31.85 -9.94
C TYR A 526 -7.62 -32.94 -9.39
N ASP A 527 -8.02 -33.54 -8.28
CA ASP A 527 -7.28 -34.66 -7.69
C ASP A 527 -7.81 -35.94 -8.32
N GLU A 528 -7.04 -36.48 -9.26
CA GLU A 528 -7.55 -37.61 -10.04
C GLU A 528 -7.70 -38.87 -9.21
N ASP A 529 -6.84 -39.06 -8.21
CA ASP A 529 -6.89 -40.30 -7.43
C ASP A 529 -8.18 -40.40 -6.61
N SER A 530 -8.63 -39.29 -6.04
CA SER A 530 -9.84 -39.30 -5.22
C SER A 530 -11.05 -38.74 -5.94
N GLU A 531 -10.91 -38.33 -7.20
CA GLU A 531 -12.01 -37.74 -7.97
C GLU A 531 -12.68 -36.62 -7.20
N GLU A 532 -11.86 -35.73 -6.63
CA GLU A 532 -12.34 -34.57 -5.90
CA GLU A 532 -12.34 -34.57 -5.90
C GLU A 532 -11.63 -33.32 -6.40
N LEU A 533 -12.30 -32.17 -6.25
CA LEU A 533 -11.73 -30.88 -6.56
C LEU A 533 -11.17 -30.27 -5.28
N GLN A 534 -9.92 -29.82 -5.32
CA GLN A 534 -9.23 -29.31 -4.16
C GLN A 534 -8.94 -27.83 -4.36
N ALA A 535 -9.44 -26.99 -3.46
CA ALA A 535 -9.16 -25.57 -3.53
C ALA A 535 -7.65 -25.34 -3.51
N ILE A 536 -7.19 -24.42 -4.35
CA ILE A 536 -5.77 -24.13 -4.50
C ILE A 536 -5.44 -22.68 -4.22
N CYS A 537 -6.33 -21.76 -4.59
CA CYS A 537 -6.10 -20.35 -4.35
C CYS A 537 -7.37 -19.58 -4.69
N LYS A 538 -7.42 -18.34 -4.23
CA LYS A 538 -8.43 -17.40 -4.69
C LYS A 538 -7.88 -16.57 -5.86
N LEU A 539 -8.79 -15.92 -6.58
CA LEU A 539 -8.42 -15.17 -7.76
C LEU A 539 -9.23 -13.88 -7.79
N GLY A 540 -8.55 -12.75 -8.00
CA GLY A 540 -9.23 -11.47 -7.95
C GLY A 540 -8.63 -10.38 -8.82
N THR A 541 -7.75 -10.73 -9.75
CA THR A 541 -7.17 -9.75 -10.64
C THR A 541 -6.84 -10.41 -11.96
N GLY A 542 -6.77 -9.60 -13.01
CA GLY A 542 -6.43 -10.05 -14.34
C GLY A 542 -7.56 -9.95 -15.35
N PHE A 543 -8.78 -9.63 -14.91
CA PHE A 543 -9.92 -9.52 -15.82
C PHE A 543 -10.35 -8.06 -15.91
N SER A 544 -10.77 -7.66 -17.11
CA SER A 544 -11.32 -6.34 -17.33
C SER A 544 -12.67 -6.23 -16.62
N ASP A 545 -13.17 -4.99 -16.53
CA ASP A 545 -14.50 -4.78 -15.98
C ASP A 545 -15.56 -5.50 -16.81
N GLU A 546 -15.37 -5.52 -18.13
CA GLU A 546 -16.32 -6.21 -18.99
C GLU A 546 -16.30 -7.72 -18.75
N GLU A 547 -15.10 -8.30 -18.71
CA GLU A 547 -14.99 -9.73 -18.40
C GLU A 547 -15.58 -10.03 -17.03
N LEU A 548 -15.35 -9.16 -16.05
CA LEU A 548 -15.81 -9.44 -14.70
C LEU A 548 -17.33 -9.35 -14.60
N GLU A 549 -17.96 -8.52 -15.43
CA GLU A 549 -19.42 -8.49 -15.45
C GLU A 549 -20.01 -9.69 -16.15
N GLU A 550 -19.34 -10.20 -17.19
CA GLU A 550 -19.82 -11.42 -17.84
C GLU A 550 -19.69 -12.62 -16.91
N HIS A 551 -18.55 -12.74 -16.22
CA HIS A 551 -18.40 -13.81 -15.24
C HIS A 551 -19.51 -13.76 -14.20
N HIS A 552 -19.85 -12.57 -13.72
CA HIS A 552 -20.92 -12.45 -12.74
C HIS A 552 -22.23 -12.98 -13.31
N GLN A 553 -22.58 -12.57 -14.53
CA GLN A 553 -23.86 -12.97 -15.09
C GLN A 553 -23.91 -14.45 -15.44
N SER A 554 -22.78 -15.03 -15.87
CA SER A 554 -22.78 -16.43 -16.27
C SER A 554 -22.65 -17.35 -15.06
N LEU A 555 -21.82 -16.98 -14.08
CA LEU A 555 -21.65 -17.82 -12.90
C LEU A 555 -22.87 -17.76 -12.00
N LYS A 556 -23.61 -16.65 -12.02
CA LYS A 556 -24.85 -16.57 -11.23
C LYS A 556 -25.74 -17.79 -11.46
N ALA A 557 -25.75 -18.30 -12.68
CA ALA A 557 -26.58 -19.45 -13.01
C ALA A 557 -26.10 -20.74 -12.38
N LEU A 558 -24.88 -20.76 -11.83
CA LEU A 558 -24.30 -21.95 -11.24
C LEU A 558 -24.31 -21.91 -9.71
N VAL A 559 -24.97 -20.91 -9.12
CA VAL A 559 -24.96 -20.76 -7.67
C VAL A 559 -25.69 -21.93 -7.03
N LEU A 560 -25.06 -22.55 -6.04
CA LEU A 560 -25.62 -23.66 -5.29
C LEU A 560 -25.92 -23.23 -3.85
N PRO A 561 -26.88 -23.88 -3.19
CA PRO A 561 -27.15 -23.56 -1.79
C PRO A 561 -26.11 -24.17 -0.85
N SER A 562 -25.57 -25.32 -1.23
CA SER A 562 -24.58 -26.04 -0.43
C SER A 562 -23.51 -26.60 -1.35
N PRO A 563 -22.31 -26.85 -0.82
CA PRO A 563 -21.22 -27.34 -1.67
C PRO A 563 -21.46 -28.78 -2.12
N ARG A 564 -20.82 -29.13 -3.23
CA ARG A 564 -20.82 -30.50 -3.69
C ARG A 564 -19.98 -31.37 -2.74
N PRO A 565 -20.35 -32.64 -2.59
CA PRO A 565 -19.59 -33.50 -1.65
C PRO A 565 -18.17 -33.74 -2.08
N TYR A 566 -17.85 -33.63 -3.37
CA TYR A 566 -16.52 -33.90 -3.88
C TYR A 566 -15.65 -32.65 -3.99
N VAL A 567 -16.07 -31.54 -3.38
CA VAL A 567 -15.30 -30.30 -3.37
C VAL A 567 -14.72 -30.12 -1.98
N ARG A 568 -13.39 -30.00 -1.91
CA ARG A 568 -12.68 -29.88 -0.64
C ARG A 568 -11.97 -28.53 -0.61
N ILE A 569 -12.32 -27.69 0.38
CA ILE A 569 -11.66 -26.42 0.57
C ILE A 569 -10.89 -26.35 1.89
N ASP A 570 -11.23 -27.20 2.87
CA ASP A 570 -10.55 -27.21 4.16
C ASP A 570 -10.51 -25.80 4.77
N GLY A 571 -9.32 -25.20 4.86
CA GLY A 571 -9.14 -23.96 5.56
C GLY A 571 -9.38 -22.70 4.75
N ALA A 572 -9.83 -22.83 3.50
CA ALA A 572 -10.05 -21.65 2.67
C ALA A 572 -11.29 -20.90 3.14
N VAL A 573 -11.34 -19.61 2.81
CA VAL A 573 -12.50 -18.81 3.14
C VAL A 573 -13.73 -19.37 2.43
N ILE A 574 -14.77 -19.67 3.20
CA ILE A 574 -15.98 -20.21 2.59
C ILE A 574 -16.54 -19.21 1.60
N PRO A 575 -16.82 -19.59 0.35
CA PRO A 575 -17.35 -18.61 -0.61
C PRO A 575 -18.73 -18.12 -0.22
N ASP A 576 -19.01 -16.86 -0.57
CA ASP A 576 -20.35 -16.32 -0.37
C ASP A 576 -21.36 -17.11 -1.20
N HIS A 577 -20.97 -17.53 -2.40
CA HIS A 577 -21.80 -18.35 -3.27
C HIS A 577 -20.99 -19.56 -3.69
N TRP A 578 -21.43 -20.74 -3.30
CA TRP A 578 -20.90 -21.96 -3.88
C TRP A 578 -21.34 -22.05 -5.34
N LEU A 579 -20.46 -22.59 -6.18
CA LEU A 579 -20.72 -22.67 -7.61
C LEU A 579 -20.62 -24.12 -8.07
N ASP A 580 -21.60 -24.55 -8.86
CA ASP A 580 -21.53 -25.84 -9.50
C ASP A 580 -20.26 -25.91 -10.34
N PRO A 581 -19.33 -26.83 -10.06
CA PRO A 581 -18.08 -26.87 -10.82
C PRO A 581 -18.35 -27.03 -12.31
N SER A 582 -17.81 -26.12 -13.10
CA SER A 582 -18.04 -26.12 -14.54
C SER A 582 -17.04 -25.23 -15.26
N ALA A 583 -16.95 -23.97 -14.86
CA ALA A 583 -16.05 -23.04 -15.51
C ALA A 583 -14.60 -23.38 -15.21
N VAL A 584 -13.77 -23.38 -16.26
CA VAL A 584 -12.34 -23.64 -16.15
C VAL A 584 -11.61 -22.43 -16.69
N TRP A 585 -10.72 -21.86 -15.87
CA TRP A 585 -10.01 -20.64 -16.20
C TRP A 585 -8.51 -20.89 -16.25
N GLU A 586 -7.85 -20.27 -17.22
CA GLU A 586 -6.40 -20.30 -17.30
C GLU A 586 -5.83 -19.22 -16.39
N VAL A 587 -4.95 -19.62 -15.47
CA VAL A 587 -4.39 -18.74 -14.47
C VAL A 587 -2.88 -18.81 -14.55
N LYS A 588 -2.23 -17.65 -14.41
CA LYS A 588 -0.78 -17.57 -14.32
C LYS A 588 -0.39 -17.12 -12.92
N CYS A 589 0.78 -17.58 -12.47
CA CYS A 589 1.29 -17.22 -11.15
C CYS A 589 2.80 -17.05 -11.24
N ALA A 590 3.38 -16.48 -10.18
CA ALA A 590 4.81 -16.29 -10.11
C ALA A 590 5.51 -17.54 -9.59
N ASP A 591 4.93 -18.20 -8.58
CA ASP A 591 5.51 -19.39 -7.99
C ASP A 591 4.40 -20.19 -7.31
N LEU A 592 4.73 -21.42 -6.95
CA LEU A 592 3.89 -22.24 -6.09
C LEU A 592 4.49 -22.25 -4.68
N SER A 593 3.62 -22.35 -3.68
CA SER A 593 4.04 -22.29 -2.29
C SER A 593 3.31 -23.35 -1.48
N LEU A 594 3.96 -23.81 -0.41
CA LEU A 594 3.33 -24.72 0.53
C LEU A 594 2.37 -23.93 1.40
N SER A 595 1.09 -24.34 1.39
CA SER A 595 0.05 -23.53 1.99
C SER A 595 -0.33 -24.04 3.37
N PRO A 596 -0.62 -23.14 4.32
CA PRO A 596 -1.17 -23.57 5.60
C PRO A 596 -2.66 -23.86 5.57
N ILE A 597 -3.36 -23.56 4.49
CA ILE A 597 -4.82 -23.67 4.47
C ILE A 597 -5.31 -24.48 3.28
N TYR A 598 -4.67 -24.35 2.11
CA TYR A 598 -5.25 -24.93 0.92
C TYR A 598 -4.91 -26.42 0.81
N PRO A 599 -5.89 -27.28 0.48
CA PRO A 599 -5.63 -28.73 0.43
C PRO A 599 -5.03 -29.22 -0.88
N ALA A 600 -5.00 -28.40 -1.94
CA ALA A 600 -4.56 -28.86 -3.23
C ALA A 600 -3.21 -29.58 -3.12
N ALA A 601 -3.19 -30.84 -3.56
CA ALA A 601 -1.99 -31.66 -3.63
C ALA A 601 -1.44 -32.02 -2.25
N ARG A 602 -2.24 -31.92 -1.19
CA ARG A 602 -1.77 -32.35 0.12
C ARG A 602 -1.39 -33.83 0.07
N GLY A 603 -0.24 -34.14 0.65
CA GLY A 603 0.27 -35.50 0.68
C GLY A 603 1.20 -35.85 -0.47
N LEU A 604 1.19 -35.06 -1.53
CA LEU A 604 2.08 -35.31 -2.68
C LEU A 604 3.43 -34.65 -2.51
N VAL A 605 3.56 -33.69 -1.60
CA VAL A 605 4.85 -33.08 -1.27
C VAL A 605 5.05 -33.17 0.23
N ASP A 606 4.04 -32.79 1.00
CA ASP A 606 4.06 -32.86 2.45
C ASP A 606 2.77 -33.52 2.95
N SER A 607 2.88 -34.21 4.08
CA SER A 607 1.74 -34.95 4.61
C SER A 607 0.61 -34.02 5.04
N ASP A 608 0.94 -32.84 5.56
CA ASP A 608 -0.04 -31.96 6.19
C ASP A 608 -0.46 -30.78 5.31
N LYS A 609 0.45 -30.23 4.52
CA LYS A 609 0.20 -28.98 3.79
C LYS A 609 -0.04 -29.25 2.31
N GLY A 610 -0.99 -28.49 1.75
CA GLY A 610 -1.21 -28.44 0.32
C GLY A 610 -0.40 -27.34 -0.32
N ILE A 611 -0.81 -26.95 -1.52
CA ILE A 611 -0.06 -26.03 -2.36
C ILE A 611 -0.99 -24.92 -2.83
N SER A 612 -0.46 -23.69 -2.90
CA SER A 612 -1.19 -22.54 -3.40
C SER A 612 -0.31 -21.81 -4.41
N LEU A 613 -0.83 -20.70 -4.95
CA LEU A 613 -0.16 -19.95 -6.01
C LEU A 613 0.22 -18.57 -5.53
N ARG A 614 1.44 -18.15 -5.84
CA ARG A 614 1.93 -16.83 -5.50
C ARG A 614 1.56 -15.86 -6.61
N ALA A 615 0.88 -14.78 -6.25
CA ALA A 615 0.46 -13.75 -7.19
C ALA A 615 -0.30 -14.34 -8.39
N PRO A 616 -1.42 -15.03 -8.15
CA PRO A 616 -2.20 -15.55 -9.26
C PRO A 616 -2.96 -14.44 -9.97
N ARG A 617 -3.18 -14.62 -11.27
CA ARG A 617 -3.97 -13.68 -12.03
C ARG A 617 -4.67 -14.38 -13.18
N PHE A 618 -5.84 -13.86 -13.52
CA PHE A 618 -6.65 -14.42 -14.59
C PHE A 618 -6.04 -14.10 -15.95
N ILE A 619 -6.03 -15.10 -16.83
CA ILE A 619 -5.57 -14.95 -18.21
C ILE A 619 -6.74 -15.02 -19.18
N ARG A 620 -7.48 -16.12 -19.17
CA ARG A 620 -8.60 -16.31 -20.07
C ARG A 620 -9.42 -17.51 -19.62
N VAL A 621 -10.66 -17.55 -20.10
CA VAL A 621 -11.54 -18.69 -19.85
C VAL A 621 -11.13 -19.82 -20.79
N ARG A 622 -11.12 -21.04 -20.26
CA ARG A 622 -10.93 -22.24 -21.08
C ARG A 622 -12.31 -22.86 -21.33
N GLU A 623 -13.02 -22.26 -22.29
CA GLU A 623 -14.33 -22.76 -22.67
C GLU A 623 -14.27 -24.12 -23.34
N ASP A 624 -13.08 -24.54 -23.77
CA ASP A 624 -12.88 -25.85 -24.38
C ASP A 624 -12.60 -26.95 -23.36
N LYS A 625 -12.71 -26.66 -22.06
CA LYS A 625 -12.39 -27.62 -21.02
C LYS A 625 -13.51 -27.71 -20.01
N GLN A 626 -13.70 -28.91 -19.48
CA GLN A 626 -14.57 -29.18 -18.34
C GLN A 626 -13.70 -29.44 -17.11
N PRO A 627 -14.30 -29.51 -15.92
CA PRO A 627 -13.50 -29.68 -14.71
C PRO A 627 -12.56 -30.88 -14.76
N GLU A 628 -12.94 -31.96 -15.44
CA GLU A 628 -12.09 -33.15 -15.50
C GLU A 628 -10.82 -32.92 -16.33
N GLN A 629 -10.74 -31.84 -17.10
CA GLN A 629 -9.53 -31.51 -17.85
C GLN A 629 -8.72 -30.40 -17.20
N ALA A 630 -9.10 -29.97 -16.00
CA ALA A 630 -8.32 -28.98 -15.28
C ALA A 630 -6.97 -29.56 -14.88
N THR A 631 -6.03 -28.67 -14.60
CA THR A 631 -4.73 -29.09 -14.07
C THR A 631 -4.93 -29.97 -12.85
N THR A 632 -4.25 -31.11 -12.84
CA THR A 632 -4.44 -32.08 -11.76
C THR A 632 -3.58 -31.70 -10.56
N SER A 633 -3.99 -32.22 -9.39
CA SER A 633 -3.19 -32.03 -8.19
C SER A 633 -1.79 -32.61 -8.37
N ALA A 634 -1.70 -33.77 -9.02
CA ALA A 634 -0.39 -34.37 -9.28
C ALA A 634 0.47 -33.44 -10.13
N GLN A 635 -0.14 -32.78 -11.13
CA GLN A 635 0.60 -31.81 -11.92
C GLN A 635 1.04 -30.62 -11.08
N VAL A 636 0.19 -30.20 -10.13
CA VAL A 636 0.58 -29.10 -9.24
C VAL A 636 1.81 -29.50 -8.44
N ALA A 637 1.83 -30.72 -7.91
CA ALA A 637 2.99 -31.17 -7.15
C ALA A 637 4.23 -31.24 -8.02
N CYS A 638 4.09 -31.72 -9.26
CA CYS A 638 5.23 -31.77 -10.18
C CYS A 638 5.77 -30.37 -10.43
N LEU A 639 4.88 -29.42 -10.74
CA LEU A 639 5.32 -28.04 -10.92
C LEU A 639 6.07 -27.53 -9.69
N TYR A 640 5.58 -27.85 -8.50
CA TYR A 640 6.24 -27.37 -7.29
C TYR A 640 7.62 -27.98 -7.14
N ARG A 641 7.77 -29.29 -7.41
CA ARG A 641 9.08 -29.92 -7.33
CA ARG A 641 9.08 -29.91 -7.33
C ARG A 641 10.02 -29.35 -8.38
N LYS A 642 9.55 -29.21 -9.62
CA LYS A 642 10.38 -28.62 -10.66
C LYS A 642 10.80 -27.21 -10.29
N GLN A 643 9.98 -26.51 -9.51
CA GLN A 643 10.32 -25.16 -9.07
C GLN A 643 11.47 -25.19 -8.06
N SER A 644 11.38 -26.08 -7.07
CA SER A 644 12.35 -26.12 -5.98
C SER A 644 13.47 -27.13 -6.24
#